data_3EB0
#
_entry.id   3EB0
#
_cell.length_a   134.101
_cell.length_b   138.366
_cell.length_c   43.261
_cell.angle_alpha   90.000
_cell.angle_beta   90.000
_cell.angle_gamma   90.000
#
_symmetry.space_group_name_H-M   'P 21 21 2'
#
loop_
_entity.id
_entity.type
_entity.pdbx_description
1 polymer 'Putative uncharacterized protein'
2 non-polymer "3-({[(3S)-3,4-dihydroxybutyl]oxy}amino)-1H,2'H-2,3'-biindol-2'-one"
3 non-polymer GLYCEROL
4 water water
#
_entity_poly.entity_id   1
_entity_poly.type   'polypeptide(L)'
_entity_poly.pdbx_seq_one_letter_code
;GLETSSKKYSLGKTLGTGSFGIVCEVFDIESGKRFALKKVLQDPRYKNRELDIMKVLDHVNIIKLVDYFYTTGDEEPKPP
QPPDDHNKLGGKNNGVNNHHKSVIVNPSQNKYLNVIMEYVPDTLHKVLKSFIRSGRSIPMNLISIYIYQLFRAVGFIHSL
GICHRDIKPQNLLVNSKDNTLKLCDFGSAKKLIPSEPSVA(PTR)ICSRFYRAPELMLGATEYTPSIDLWSIGCVFGELI
LGKPLFSGETSIDQLVRIIQIMGTPTKEQMIRMNPHYTEVRFPTLKAKDWRKILPEGTPSLAIDLLEQILRYEPDLRINP
YEAMAHPFFDHLRNSYESEVKNNSNFPHGVNQNIPQLFNFSPYELSIIPGNVLNRILPKNFSPNYKH
;
_entity_poly.pdbx_strand_id   A,C
#
loop_
_chem_comp.id
_chem_comp.type
_chem_comp.name
_chem_comp.formula
DRK non-polymer 3-({[(3S)-3,4-dihydroxybutyl]oxy}amino)-1H,2'H-2,3'-biindol-2'-one 'C20 H19 N3 O4'
GOL non-polymer GLYCEROL 'C3 H8 O3'
#
# COMPACT_ATOMS: atom_id res chain seq x y z
N SER A 6 -4.42 -19.78 5.28
CA SER A 6 -5.15 -20.00 6.57
C SER A 6 -4.15 -20.38 7.65
N LYS A 7 -3.13 -21.14 7.23
CA LYS A 7 -2.00 -21.56 8.07
C LYS A 7 -1.21 -20.36 8.57
N LYS A 8 -1.16 -19.29 7.77
CA LYS A 8 -0.40 -18.09 8.09
C LYS A 8 -0.82 -17.44 9.41
N TYR A 9 -2.10 -17.58 9.76
CA TYR A 9 -2.60 -16.94 10.95
C TYR A 9 -3.13 -17.95 11.94
N SER A 10 -2.72 -17.81 13.19
CA SER A 10 -3.28 -18.56 14.31
C SER A 10 -4.29 -17.73 15.09
N LEU A 11 -5.39 -18.38 15.48
CA LEU A 11 -6.45 -17.80 16.32
C LEU A 11 -6.02 -17.65 17.78
N GLY A 12 -6.51 -16.62 18.49
CA GLY A 12 -7.55 -15.73 18.02
C GLY A 12 -8.74 -15.59 18.97
N LYS A 13 -8.60 -14.73 19.97
CA LYS A 13 -9.70 -14.27 20.83
C LYS A 13 -10.83 -13.63 20.00
N THR A 14 -12.07 -14.05 20.22
CA THR A 14 -13.21 -13.44 19.53
C THR A 14 -13.36 -11.97 19.95
N LEU A 15 -13.64 -11.12 18.96
CA LEU A 15 -13.82 -9.70 19.21
C LEU A 15 -15.29 -9.24 19.04
N GLY A 16 -16.06 -9.99 18.25
CA GLY A 16 -17.47 -9.69 18.04
C GLY A 16 -18.07 -10.48 16.88
N THR A 17 -19.14 -11.23 17.14
CA THR A 17 -19.87 -11.92 16.06
C THR A 17 -20.96 -10.99 15.55
N GLY A 18 -20.66 -10.23 14.50
CA GLY A 18 -21.60 -9.26 13.92
C GLY A 18 -22.15 -9.65 12.55
N PHE A 20 -22.82 -10.80 8.79
CA PHE A 20 -22.71 -12.16 8.22
C PHE A 20 -21.43 -12.92 8.62
N GLY A 21 -20.80 -12.53 9.71
CA GLY A 21 -19.61 -13.24 10.19
C GLY A 21 -19.12 -12.90 11.59
N ILE A 22 -17.81 -13.09 11.80
CA ILE A 22 -17.16 -12.94 13.10
C ILE A 22 -15.97 -12.00 12.99
N VAL A 23 -15.51 -11.47 14.12
CA VAL A 23 -14.28 -10.69 14.16
C VAL A 23 -13.39 -11.18 15.30
N CYS A 24 -12.17 -11.59 14.95
CA CYS A 24 -11.21 -12.17 15.88
C CYS A 24 -9.85 -11.45 15.94
N GLU A 25 -9.04 -11.87 16.90
CA GLU A 25 -7.63 -11.56 16.93
C GLU A 25 -6.88 -12.71 16.30
N VAL A 26 -5.87 -12.42 15.50
CA VAL A 26 -5.10 -13.46 14.83
C VAL A 26 -3.63 -13.13 14.91
N PHE A 27 -2.79 -14.14 14.70
CA PHE A 27 -1.34 -13.93 14.69
C PHE A 27 -0.62 -14.42 13.42
N ASP A 28 0.09 -13.49 12.78
CA ASP A 28 1.05 -13.81 11.72
C ASP A 28 2.11 -14.78 12.27
N ILE A 29 2.05 -16.05 11.86
CA ILE A 29 3.01 -17.03 12.37
C ILE A 29 4.46 -16.82 11.90
N GLU A 30 4.67 -16.02 10.86
CA GLU A 30 6.03 -15.70 10.41
C GLU A 30 6.66 -14.51 11.15
N SER A 31 5.92 -13.40 11.24
CA SER A 31 6.41 -12.15 11.84
C SER A 31 6.10 -11.98 13.34
N GLY A 32 5.08 -12.70 13.83
CA GLY A 32 4.66 -12.62 15.24
C GLY A 32 3.71 -11.49 15.56
N LYS A 33 3.43 -10.65 14.56
CA LYS A 33 2.56 -9.49 14.74
C LYS A 33 1.12 -9.92 14.91
N ARG A 34 0.36 -9.06 15.60
CA ARG A 34 -1.03 -9.29 15.87
C ARG A 34 -1.91 -8.46 14.93
N PHE A 35 -2.89 -9.11 14.31
CA PHE A 35 -3.88 -8.44 13.46
C PHE A 35 -5.33 -8.75 13.85
N ALA A 36 -6.27 -8.09 13.17
CA ALA A 36 -7.70 -8.43 13.31
C ALA A 36 -8.22 -9.16 12.08
N LEU A 37 -8.92 -10.25 12.33
CA LEU A 37 -9.53 -11.04 11.27
C LEU A 37 -11.01 -10.75 11.25
N LYS A 38 -11.55 -10.36 10.10
CA LYS A 38 -12.99 -10.37 9.87
C LYS A 38 -13.33 -11.45 8.85
N LYS A 39 -14.02 -12.49 9.31
CA LYS A 39 -14.40 -13.60 8.46
C LYS A 39 -15.88 -13.51 8.14
N VAL A 40 -16.22 -13.38 6.85
CA VAL A 40 -17.63 -13.29 6.43
C VAL A 40 -18.05 -14.34 5.41
N LEU A 41 -19.29 -14.79 5.54
CA LEU A 41 -19.90 -15.69 4.57
C LEU A 41 -20.12 -14.91 3.28
N GLN A 42 -19.61 -15.44 2.16
CA GLN A 42 -19.45 -14.70 0.91
C GLN A 42 -19.37 -15.62 -0.31
N ASP A 43 -20.12 -15.31 -1.35
CA ASP A 43 -20.04 -16.02 -2.63
C ASP A 43 -18.90 -15.40 -3.48
N PRO A 44 -17.95 -16.22 -3.98
CA PRO A 44 -16.93 -15.65 -4.86
C PRO A 44 -17.46 -15.37 -6.28
N ARG A 45 -18.78 -15.32 -6.42
CA ARG A 45 -19.43 -14.89 -7.65
C ARG A 45 -19.62 -13.36 -7.68
N TYR A 46 -19.80 -12.78 -6.50
CA TYR A 46 -20.00 -11.34 -6.39
C TYR A 46 -18.77 -10.62 -5.83
N LYS A 47 -18.69 -9.34 -6.13
CA LYS A 47 -17.84 -8.41 -5.41
C LYS A 47 -18.24 -8.37 -3.93
N ASN A 48 -17.27 -8.09 -3.06
CA ASN A 48 -17.56 -7.71 -1.70
C ASN A 48 -17.25 -6.22 -1.53
N ARG A 49 -18.32 -5.45 -1.34
CA ARG A 49 -18.24 -4.00 -1.11
C ARG A 49 -17.25 -3.52 -0.04
N GLU A 50 -17.29 -4.14 1.15
CA GLU A 50 -16.39 -3.78 2.24
C GLU A 50 -14.88 -3.94 1.91
N LEU A 51 -14.50 -5.05 1.28
CA LEU A 51 -13.11 -5.23 0.85
C LEU A 51 -12.70 -4.14 -0.12
N ASP A 52 -13.55 -3.88 -1.12
CA ASP A 52 -13.31 -2.83 -2.12
C ASP A 52 -13.05 -1.45 -1.52
N ILE A 53 -13.76 -1.13 -0.44
CA ILE A 53 -13.54 0.12 0.30
C ILE A 53 -12.22 0.10 1.09
N MET A 54 -12.03 -0.95 1.90
CA MET A 54 -10.76 -1.18 2.60
C MET A 54 -9.57 -0.87 1.71
N LYS A 55 -9.61 -1.37 0.48
CA LYS A 55 -8.48 -1.35 -0.45
C LYS A 55 -7.97 0.03 -0.81
N VAL A 56 -8.71 1.03 -0.37
CA VAL A 56 -8.53 2.38 -0.86
C VAL A 56 -8.18 3.30 0.34
N LEU A 57 -8.44 2.78 1.55
CA LEU A 57 -8.16 3.49 2.80
C LEU A 57 -6.71 3.43 3.21
N ASP A 58 -5.96 4.49 2.91
CA ASP A 58 -4.57 4.62 3.32
C ASP A 58 -4.39 5.91 4.12
N HIS A 59 -4.52 5.82 5.44
CA HIS A 59 -4.48 7.01 6.31
C HIS A 59 -4.17 6.64 7.75
N VAL A 60 -3.41 7.51 8.42
CA VAL A 60 -2.84 7.24 9.74
C VAL A 60 -3.89 7.06 10.81
N ASN A 61 -5.09 7.61 10.61
CA ASN A 61 -6.18 7.52 11.57
C ASN A 61 -7.33 6.64 11.09
N ILE A 62 -7.01 5.72 10.20
CA ILE A 62 -7.99 4.75 9.73
C ILE A 62 -7.28 3.41 9.70
N ILE A 63 -8.03 2.34 9.93
CA ILE A 63 -7.46 1.00 10.06
C ILE A 63 -7.11 0.45 8.66
N LYS A 64 -5.83 0.08 8.46
CA LYS A 64 -5.32 -0.36 7.15
C LYS A 64 -5.61 -1.82 6.83
N LEU A 65 -5.86 -2.12 5.56
CA LEU A 65 -5.98 -3.50 5.09
C LEU A 65 -4.60 -4.12 5.06
N VAL A 66 -4.49 -5.40 5.39
CA VAL A 66 -3.18 -6.05 5.44
C VAL A 66 -3.04 -7.25 4.48
N ASP A 67 -4.09 -8.08 4.45
CA ASP A 67 -4.12 -9.36 3.72
C ASP A 67 -5.58 -9.77 3.54
N TYR A 68 -5.87 -10.64 2.59
CA TYR A 68 -7.20 -11.24 2.47
C TYR A 68 -7.15 -12.49 1.64
N PHE A 69 -7.97 -13.47 2.01
CA PHE A 69 -7.98 -14.79 1.35
C PHE A 69 -9.31 -15.50 1.55
N TYR A 70 -9.51 -16.57 0.79
CA TYR A 70 -10.75 -17.34 0.85
C TYR A 70 -10.56 -18.69 1.56
N THR A 71 -11.67 -19.34 1.90
CA THR A 71 -11.68 -20.46 2.85
C THR A 71 -12.99 -21.27 2.83
N THR A 72 -12.94 -22.50 3.31
CA THR A 72 -14.14 -23.29 3.57
C THR A 72 -14.03 -23.99 4.94
N ASN A 110 -20.07 -24.04 2.26
CA ASN A 110 -20.03 -22.67 2.77
C ASN A 110 -18.64 -22.04 2.55
N LYS A 111 -18.62 -20.89 1.88
CA LYS A 111 -17.39 -20.22 1.45
C LYS A 111 -17.22 -18.88 2.16
N TYR A 112 -16.03 -18.63 2.71
CA TYR A 112 -15.80 -17.45 3.55
C TYR A 112 -14.68 -16.55 3.03
N LEU A 113 -14.87 -15.24 3.19
CA LEU A 113 -13.84 -14.28 2.87
C LEU A 113 -13.17 -13.81 4.15
N ASN A 114 -11.85 -13.84 4.13
CA ASN A 114 -11.04 -13.56 5.31
C ASN A 114 -10.26 -12.28 5.18
N VAL A 115 -10.64 -11.28 5.95
CA VAL A 115 -10.03 -9.97 5.86
C VAL A 115 -9.08 -9.72 7.04
N ILE A 116 -7.80 -9.57 6.75
CA ILE A 116 -6.80 -9.31 7.79
C ILE A 116 -6.53 -7.80 7.86
N MET A 117 -6.70 -7.22 9.05
CA MET A 117 -6.52 -5.77 9.22
C MET A 117 -5.62 -5.35 10.38
N GLU A 118 -5.11 -4.11 10.30
CA GLU A 118 -4.42 -3.41 11.41
C GLU A 118 -5.18 -3.52 12.74
N TYR A 119 -4.46 -3.74 13.82
CA TYR A 119 -5.07 -3.99 15.11
C TYR A 119 -4.74 -2.90 16.11
N VAL A 120 -5.77 -2.48 16.85
CA VAL A 120 -5.63 -1.52 17.93
C VAL A 120 -6.30 -2.13 19.20
N PRO A 121 -5.61 -2.09 20.36
CA PRO A 121 -6.04 -2.89 21.53
C PRO A 121 -7.24 -2.42 22.35
N ASP A 122 -7.86 -1.29 21.99
CA ASP A 122 -9.01 -0.79 22.76
C ASP A 122 -10.04 0.04 21.97
N THR A 123 -11.26 0.11 22.49
CA THR A 123 -12.30 0.94 21.89
C THR A 123 -12.59 2.15 22.78
N LEU A 124 -13.00 3.24 22.15
CA LEU A 124 -13.45 4.42 22.87
C LEU A 124 -14.64 4.09 23.77
N HIS A 125 -15.40 3.08 23.37
CA HIS A 125 -16.55 2.61 24.13
C HIS A 125 -16.07 2.07 25.47
N LYS A 126 -15.04 1.22 25.46
CA LYS A 126 -14.49 0.70 26.72
C LYS A 126 -13.87 1.79 27.62
N VAL A 127 -13.29 2.81 26.98
CA VAL A 127 -12.64 3.93 27.67
C VAL A 127 -13.70 4.82 28.36
N LEU A 128 -14.67 5.25 27.55
N LEU A 128 -14.70 5.25 27.59
CA LEU A 128 -15.86 5.99 28.00
CA LEU A 128 -15.78 6.05 28.17
C LEU A 128 -16.47 5.25 29.18
C LEU A 128 -16.45 5.24 29.25
N LYS A 129 -16.82 4.00 28.95
CA LYS A 129 -17.53 3.14 29.91
C LYS A 129 -16.71 2.79 31.18
N SER A 130 -15.40 3.09 31.18
CA SER A 130 -14.53 2.89 32.34
C SER A 130 -14.37 4.13 33.20
N PHE A 131 -14.40 5.29 32.54
CA PHE A 131 -14.33 6.54 33.24
C PHE A 131 -15.56 6.73 34.08
N ILE A 132 -16.70 6.25 33.59
CA ILE A 132 -17.95 6.41 34.31
C ILE A 132 -17.92 5.61 35.60
N ARG A 133 -17.36 4.41 35.49
CA ARG A 133 -17.17 3.50 36.61
C ARG A 133 -16.40 4.16 37.73
N SER A 134 -15.30 4.82 37.38
CA SER A 134 -14.45 5.42 38.39
C SER A 134 -15.08 6.68 38.98
N GLY A 135 -16.19 7.08 38.38
CA GLY A 135 -16.90 8.29 38.82
C GLY A 135 -16.20 9.56 38.41
N ARG A 136 -15.40 9.49 37.35
CA ARG A 136 -14.74 10.66 36.80
C ARG A 136 -15.18 10.92 35.37
N SER A 137 -15.01 12.16 34.92
CA SER A 137 -15.30 12.55 33.55
C SER A 137 -13.98 12.53 32.77
N ILE A 138 -14.06 12.29 31.46
CA ILE A 138 -12.88 12.29 30.60
C ILE A 138 -12.29 13.72 30.50
N PRO A 139 -10.98 13.89 30.77
CA PRO A 139 -10.46 15.25 30.64
C PRO A 139 -10.76 15.83 29.27
N MET A 140 -11.12 17.12 29.25
CA MET A 140 -11.37 17.82 28.01
C MET A 140 -10.12 17.76 27.11
N ASN A 141 -8.93 17.86 27.72
CA ASN A 141 -7.71 17.75 26.96
C ASN A 141 -7.60 16.41 26.23
N LEU A 142 -8.00 15.34 26.88
CA LEU A 142 -8.09 14.05 26.21
C LEU A 142 -9.25 14.01 25.17
N ILE A 143 -10.46 14.39 25.56
CA ILE A 143 -11.57 14.46 24.61
C ILE A 143 -11.16 15.13 23.27
N SER A 144 -10.40 16.23 23.37
CA SER A 144 -9.97 16.96 22.16
C SER A 144 -9.01 16.14 21.30
N ILE A 145 -8.13 15.36 21.94
CA ILE A 145 -7.20 14.50 21.20
C ILE A 145 -7.97 13.54 20.29
N TYR A 146 -8.95 12.85 20.86
CA TYR A 146 -9.72 11.85 20.12
C TYR A 146 -10.56 12.46 18.99
N ILE A 147 -11.25 13.55 19.29
CA ILE A 147 -12.19 14.11 18.35
C ILE A 147 -11.45 14.77 17.19
N TYR A 148 -10.31 15.39 17.48
CA TYR A 148 -9.44 15.89 16.41
C TYR A 148 -9.13 14.80 15.39
N GLN A 149 -8.60 13.69 15.87
CA GLN A 149 -8.22 12.60 15.00
C GLN A 149 -9.41 12.07 14.23
N LEU A 150 -10.55 11.96 14.89
CA LEU A 150 -11.79 11.55 14.24
C LEU A 150 -12.11 12.43 13.01
N PHE A 151 -12.14 13.75 13.22
CA PHE A 151 -12.29 14.68 12.10
C PHE A 151 -11.28 14.42 10.96
N ARG A 152 -10.00 14.24 11.29
CA ARG A 152 -8.97 13.98 10.28
C ARG A 152 -9.32 12.73 9.46
N ALA A 153 -9.78 11.67 10.13
CA ALA A 153 -10.20 10.43 9.46
C ALA A 153 -11.35 10.66 8.50
N VAL A 154 -12.40 11.30 9.02
CA VAL A 154 -13.59 11.60 8.25
C VAL A 154 -13.26 12.54 7.09
N GLY A 155 -12.42 13.54 7.35
CA GLY A 155 -11.95 14.42 6.29
C GLY A 155 -11.39 13.61 5.13
N PHE A 156 -10.70 12.52 5.48
CA PHE A 156 -10.04 11.70 4.48
C PHE A 156 -11.01 10.88 3.61
N ILE A 157 -12.01 10.26 4.25
CA ILE A 157 -12.95 9.38 3.52
C ILE A 157 -13.96 10.17 2.66
N HIS A 158 -14.38 11.33 3.17
CA HIS A 158 -15.25 12.24 2.42
C HIS A 158 -14.53 12.85 1.19
N SER A 159 -13.20 12.94 1.23
CA SER A 159 -12.50 13.45 0.06
C SER A 159 -12.62 12.44 -1.09
N LEU A 160 -13.08 11.24 -0.76
CA LEU A 160 -13.22 10.15 -1.69
C LEU A 160 -14.70 9.83 -2.00
N GLY A 161 -15.62 10.57 -1.39
CA GLY A 161 -17.07 10.30 -1.48
C GLY A 161 -17.53 9.09 -0.65
N ILE A 162 -16.61 8.54 0.13
CA ILE A 162 -16.91 7.41 0.99
C ILE A 162 -17.47 7.93 2.30
N CYS A 163 -18.59 7.36 2.71
CA CYS A 163 -19.31 7.71 3.93
C CYS A 163 -19.31 6.44 4.80
N HIS A 164 -19.12 6.58 6.12
CA HIS A 164 -19.00 5.39 7.01
C HIS A 164 -20.37 4.82 7.37
N ARG A 165 -21.27 5.72 7.80
CA ARG A 165 -22.66 5.39 7.93
C ARG A 165 -22.98 4.71 9.23
N ASP A 166 -21.98 4.49 10.07
CA ASP A 166 -22.25 3.88 11.38
C ASP A 166 -21.16 4.17 12.43
N ILE A 167 -20.70 5.42 12.47
CA ILE A 167 -19.74 5.87 13.48
C ILE A 167 -20.39 5.84 14.87
N LYS A 168 -19.66 5.25 15.82
CA LYS A 168 -20.06 5.03 17.22
C LYS A 168 -18.83 4.64 18.05
N PRO A 169 -18.85 4.89 19.39
CA PRO A 169 -17.65 4.60 20.20
C PRO A 169 -17.16 3.14 20.11
N GLN A 170 -18.04 2.21 19.77
CA GLN A 170 -17.60 0.82 19.50
C GLN A 170 -16.67 0.67 18.26
N ASN A 171 -16.78 1.60 17.32
CA ASN A 171 -16.02 1.62 16.06
C ASN A 171 -14.80 2.51 16.13
N LEU A 172 -14.54 3.04 17.30
CA LEU A 172 -13.47 4.00 17.40
C LEU A 172 -12.39 3.42 18.29
N LEU A 173 -11.37 2.92 17.62
CA LEU A 173 -10.29 2.28 18.32
C LEU A 173 -9.31 3.27 18.90
N VAL A 174 -8.87 3.01 20.13
CA VAL A 174 -7.98 3.87 20.88
C VAL A 174 -6.80 3.03 21.37
N ASN A 175 -5.59 3.60 21.32
CA ASN A 175 -4.41 2.97 21.86
C ASN A 175 -3.93 3.83 23.02
N SER A 176 -3.73 3.18 24.17
CA SER A 176 -3.44 3.86 25.43
C SER A 176 -2.01 4.36 25.54
N LYS A 177 -1.10 3.74 24.80
CA LYS A 177 0.31 4.11 24.83
C LYS A 177 0.50 5.57 24.41
N ASP A 178 -0.44 6.04 23.60
CA ASP A 178 -0.20 7.08 22.61
C ASP A 178 -1.35 8.06 22.55
N ASN A 179 -2.54 7.56 22.88
CA ASN A 179 -3.81 8.23 22.61
C ASN A 179 -4.20 8.36 21.12
N THR A 180 -3.70 7.43 20.30
CA THR A 180 -4.07 7.29 18.88
C THR A 180 -5.49 6.75 18.76
N LEU A 181 -6.31 7.37 17.94
CA LEU A 181 -7.63 6.85 17.66
C LEU A 181 -7.70 6.40 16.21
N LYS A 182 -8.35 5.26 15.96
CA LYS A 182 -8.56 4.82 14.58
C LYS A 182 -9.99 4.35 14.34
N LEU A 183 -10.47 4.70 13.16
CA LEU A 183 -11.81 4.41 12.73
C LEU A 183 -11.80 3.07 11.99
N CYS A 184 -12.59 2.12 12.45
CA CYS A 184 -12.60 0.81 11.84
C CYS A 184 -13.99 0.39 11.39
N ASP A 185 -14.02 -0.81 10.81
CA ASP A 185 -15.22 -1.54 10.45
C ASP A 185 -16.10 -0.83 9.44
N PHE A 186 -15.70 -0.98 8.16
CA PHE A 186 -16.42 -0.38 7.05
C PHE A 186 -17.48 -1.26 6.40
N GLY A 187 -17.98 -2.23 7.17
CA GLY A 187 -19.02 -3.15 6.69
C GLY A 187 -20.32 -2.46 6.34
N SER A 188 -20.48 -1.23 6.82
CA SER A 188 -21.71 -0.49 6.57
C SER A 188 -21.45 0.74 5.72
N ALA A 189 -20.19 0.93 5.32
CA ALA A 189 -19.79 2.08 4.51
C ALA A 189 -20.27 1.97 3.08
N LYS A 190 -20.35 3.11 2.41
CA LYS A 190 -20.63 3.18 0.97
C LYS A 190 -20.05 4.45 0.33
N LYS A 191 -19.65 4.35 -0.93
CA LYS A 191 -19.28 5.51 -1.76
C LYS A 191 -20.54 6.16 -2.32
N LEU A 192 -20.82 7.38 -1.85
CA LEU A 192 -22.01 8.13 -2.26
C LEU A 192 -21.89 8.75 -3.66
N ILE A 193 -22.77 8.35 -4.56
CA ILE A 193 -22.73 8.88 -5.90
C ILE A 193 -23.75 9.98 -5.97
N PRO A 194 -23.33 11.25 -5.78
CA PRO A 194 -24.23 12.40 -5.60
C PRO A 194 -25.40 12.46 -6.58
N SER A 195 -25.25 11.87 -7.77
CA SER A 195 -26.26 11.95 -8.84
C SER A 195 -27.28 10.82 -8.81
N GLU A 196 -27.11 9.90 -7.87
CA GLU A 196 -28.01 8.75 -7.74
C GLU A 196 -28.58 8.69 -6.33
N PRO A 197 -29.88 8.34 -6.23
CA PRO A 197 -30.51 8.19 -4.93
C PRO A 197 -30.13 6.88 -4.24
N SER A 198 -30.06 6.95 -2.91
CA SER A 198 -30.02 5.78 -2.10
C SER A 198 -31.42 5.43 -1.57
N VAL A 199 -31.52 4.25 -0.98
CA VAL A 199 -32.76 3.75 -0.38
C VAL A 199 -32.62 3.94 1.11
N ALA A 200 -33.67 4.45 1.74
CA ALA A 200 -33.64 4.70 3.19
C ALA A 200 -33.84 3.41 3.99
N PTR A 201 -32.75 2.72 4.29
CA PTR A 201 -32.82 1.48 5.09
C PTR A 201 -31.80 1.44 6.24
O PTR A 201 -31.35 0.36 6.64
CB PTR A 201 -32.82 0.22 4.22
CG PTR A 201 -31.66 0.11 3.23
CD1 PTR A 201 -31.83 -0.54 2.01
CD2 PTR A 201 -30.40 0.63 3.52
CE1 PTR A 201 -30.79 -0.65 1.11
CE2 PTR A 201 -29.35 0.52 2.62
CZ PTR A 201 -29.54 -0.12 1.41
OH PTR A 201 -28.64 -0.25 0.56
P PTR A 201 -27.28 0.62 0.41
O1P PTR A 201 -27.49 2.05 0.69
O2P PTR A 201 -26.79 0.41 -1.03
O3P PTR A 201 -26.19 0.14 1.39
N ILE A 202 -31.46 2.62 6.77
CA ILE A 202 -30.48 2.75 7.84
C ILE A 202 -31.18 2.99 9.18
N CYS A 203 -31.19 1.95 10.01
CA CYS A 203 -31.83 1.96 11.32
C CYS A 203 -30.82 1.63 12.40
N SER A 204 -30.52 2.58 13.28
CA SER A 204 -29.56 2.34 14.35
C SER A 204 -29.78 3.28 15.52
N ARG A 205 -29.21 2.96 16.68
CA ARG A 205 -29.49 3.73 17.87
C ARG A 205 -28.48 4.87 18.05
N PHE A 206 -28.96 5.96 18.66
CA PHE A 206 -28.14 7.07 19.21
C PHE A 206 -27.48 8.02 18.22
N TYR A 207 -26.98 7.49 17.10
CA TYR A 207 -26.06 8.24 16.25
C TYR A 207 -26.49 8.65 14.82
N ARG A 208 -27.69 8.26 14.37
CA ARG A 208 -28.10 8.60 12.99
C ARG A 208 -28.40 10.07 12.89
N ALA A 209 -28.17 10.60 11.70
CA ALA A 209 -28.54 11.96 11.35
C ALA A 209 -30.07 12.09 11.26
N PRO A 210 -30.63 13.27 11.63
CA PRO A 210 -32.08 13.45 11.61
C PRO A 210 -32.67 13.16 10.23
N GLU A 211 -31.90 13.47 9.17
CA GLU A 211 -32.34 13.20 7.81
C GLU A 211 -32.60 11.72 7.57
N LEU A 212 -31.76 10.85 8.13
CA LEU A 212 -32.03 9.40 8.08
C LEU A 212 -33.33 9.03 8.79
N MET A 213 -33.56 9.58 9.97
CA MET A 213 -34.79 9.34 10.74
C MET A 213 -36.01 9.78 9.93
N LEU A 214 -35.79 10.73 9.01
CA LEU A 214 -36.86 11.27 8.16
C LEU A 214 -36.99 10.56 6.80
N GLY A 215 -36.26 9.47 6.61
CA GLY A 215 -36.39 8.63 5.43
C GLY A 215 -35.76 9.21 4.17
N ALA A 216 -34.79 10.10 4.35
CA ALA A 216 -34.11 10.75 3.24
C ALA A 216 -33.52 9.73 2.26
N THR A 217 -33.50 10.14 1.01
CA THR A 217 -33.15 9.29 -0.11
C THR A 217 -31.94 9.94 -0.82
N GLU A 218 -31.69 11.19 -0.46
CA GLU A 218 -30.65 12.00 -1.07
C GLU A 218 -29.66 12.52 0.00
N TYR A 219 -29.40 11.70 1.01
CA TYR A 219 -28.49 12.09 2.10
C TYR A 219 -27.04 12.16 1.58
N THR A 220 -26.14 12.72 2.39
CA THR A 220 -24.75 13.04 1.99
C THR A 220 -23.75 12.66 3.10
N PRO A 221 -22.43 12.68 2.79
CA PRO A 221 -21.49 12.22 3.82
C PRO A 221 -21.63 13.07 5.09
N SER A 222 -22.36 14.18 4.99
CA SER A 222 -22.68 14.99 6.14
C SER A 222 -23.24 14.18 7.31
N ILE A 223 -24.01 13.13 7.01
CA ILE A 223 -24.52 12.23 8.05
C ILE A 223 -23.44 11.76 9.04
N ASP A 224 -22.21 11.55 8.58
CA ASP A 224 -21.10 11.19 9.48
C ASP A 224 -20.81 12.31 10.47
N LEU A 225 -20.95 13.57 10.04
CA LEU A 225 -20.63 14.68 10.92
C LEU A 225 -21.62 14.76 12.08
N TRP A 226 -22.90 14.51 11.80
CA TRP A 226 -23.88 14.35 12.87
C TRP A 226 -23.43 13.25 13.85
N SER A 227 -22.92 12.14 13.36
CA SER A 227 -22.49 11.12 14.30
C SER A 227 -21.36 11.62 15.18
N ILE A 228 -20.37 12.30 14.58
CA ILE A 228 -19.24 12.83 15.35
C ILE A 228 -19.72 13.73 16.46
N GLY A 229 -20.62 14.64 16.13
CA GLY A 229 -21.18 15.57 17.11
C GLY A 229 -21.75 14.82 18.29
N CYS A 230 -22.44 13.71 17.99
CA CYS A 230 -23.06 12.92 19.03
C CYS A 230 -21.99 12.31 19.90
N VAL A 231 -20.97 11.76 19.27
CA VAL A 231 -19.91 11.11 20.02
C VAL A 231 -19.21 12.11 20.94
N PHE A 232 -18.84 13.26 20.36
CA PHE A 232 -18.27 14.38 21.11
C PHE A 232 -19.20 14.66 22.31
N GLY A 233 -20.47 14.98 22.04
CA GLY A 233 -21.42 15.19 23.10
C GLY A 233 -21.44 14.13 24.19
N GLU A 234 -21.47 12.86 23.80
CA GLU A 234 -21.59 11.79 24.78
C GLU A 234 -20.38 11.75 25.71
N LEU A 235 -19.20 11.94 25.13
CA LEU A 235 -17.95 11.99 25.87
C LEU A 235 -17.99 13.06 26.97
N ILE A 236 -18.59 14.20 26.66
CA ILE A 236 -18.70 15.26 27.63
C ILE A 236 -19.75 14.95 28.70
N LEU A 237 -20.92 14.48 28.27
CA LEU A 237 -22.08 14.37 29.16
C LEU A 237 -22.01 13.17 30.07
N GLY A 238 -21.55 12.04 29.55
CA GLY A 238 -21.45 10.82 30.34
C GLY A 238 -22.47 9.76 29.94
N LYS A 239 -23.29 10.10 28.95
CA LYS A 239 -24.33 9.21 28.44
C LYS A 239 -24.71 9.76 27.05
N PRO A 240 -25.43 8.98 26.23
CA PRO A 240 -25.73 9.46 24.88
C PRO A 240 -26.72 10.63 24.85
N LEU A 241 -26.63 11.42 23.80
CA LEU A 241 -27.48 12.58 23.66
C LEU A 241 -28.91 12.24 23.30
N PHE A 242 -29.10 11.28 22.41
CA PHE A 242 -30.41 11.04 21.84
C PHE A 242 -30.79 9.58 21.85
N SER A 243 -31.46 9.16 22.93
CA SER A 243 -31.89 7.76 23.11
C SER A 243 -33.22 7.49 22.41
N GLY A 244 -33.66 6.23 22.40
CA GLY A 244 -34.92 5.87 21.75
C GLY A 244 -34.83 4.67 20.82
N GLU A 245 -35.81 3.79 20.90
N GLU A 245 -35.77 3.75 20.99
CA GLU A 245 -35.82 2.54 20.14
CA GLU A 245 -35.90 2.57 20.15
C GLU A 245 -36.40 2.68 18.73
C GLU A 245 -36.13 3.02 18.72
N THR A 246 -37.25 3.69 18.50
CA THR A 246 -37.77 3.94 17.16
C THR A 246 -37.36 5.29 16.60
N SER A 247 -37.63 5.50 15.31
CA SER A 247 -37.28 6.75 14.65
C SER A 247 -37.99 7.96 15.29
N ILE A 248 -39.32 7.87 15.50
CA ILE A 248 -40.07 8.95 16.17
C ILE A 248 -39.45 9.28 17.53
N ASP A 249 -39.28 8.22 18.34
CA ASP A 249 -38.60 8.31 19.63
C ASP A 249 -37.24 9.03 19.55
N GLN A 250 -36.50 8.80 18.47
CA GLN A 250 -35.20 9.42 18.32
C GLN A 250 -35.32 10.90 17.94
N LEU A 251 -36.24 11.20 17.03
CA LEU A 251 -36.54 12.56 16.61
C LEU A 251 -37.02 13.46 17.74
N VAL A 252 -37.97 12.97 18.55
CA VAL A 252 -38.54 13.73 19.65
C VAL A 252 -37.43 14.21 20.59
N ARG A 253 -36.56 13.29 21.00
CA ARG A 253 -35.41 13.60 21.86
C ARG A 253 -34.52 14.72 21.32
N ILE A 254 -34.24 14.68 20.02
CA ILE A 254 -33.49 15.74 19.37
C ILE A 254 -34.30 17.04 19.42
N ILE A 255 -35.55 16.98 18.99
CA ILE A 255 -36.47 18.13 19.06
C ILE A 255 -36.61 18.72 20.48
N GLN A 256 -36.55 17.86 21.50
CA GLN A 256 -36.66 18.32 22.88
C GLN A 256 -35.42 19.04 23.39
N ILE A 257 -34.30 18.92 22.69
CA ILE A 257 -33.09 19.64 23.08
C ILE A 257 -32.79 20.79 22.11
N MET A 258 -32.89 20.51 20.81
CA MET A 258 -32.53 21.48 19.80
C MET A 258 -33.67 22.30 19.21
N GLY A 259 -34.90 22.01 19.63
CA GLY A 259 -36.07 22.76 19.18
C GLY A 259 -36.68 22.18 17.92
N THR A 260 -37.90 22.59 17.62
CA THR A 260 -38.59 22.12 16.43
C THR A 260 -37.94 22.69 15.17
N PRO A 261 -37.67 21.84 14.17
CA PRO A 261 -37.11 22.35 12.92
C PRO A 261 -38.09 23.27 12.17
N THR A 262 -37.57 24.36 11.60
CA THR A 262 -38.38 25.23 10.74
C THR A 262 -38.70 24.49 9.43
N LYS A 263 -39.66 25.00 8.66
CA LYS A 263 -40.03 24.39 7.37
C LYS A 263 -38.81 24.29 6.41
N GLU A 264 -38.00 25.35 6.37
CA GLU A 264 -36.77 25.41 5.55
C GLU A 264 -35.79 24.30 5.99
N GLN A 265 -35.70 24.04 7.28
CA GLN A 265 -34.87 22.94 7.78
C GLN A 265 -35.42 21.56 7.43
N MET A 266 -36.73 21.41 7.30
CA MET A 266 -37.30 20.12 6.86
C MET A 266 -36.94 19.82 5.40
N ILE A 267 -37.01 20.84 4.54
CA ILE A 267 -36.71 20.71 3.11
C ILE A 267 -35.25 20.34 2.89
N ARG A 268 -34.39 20.85 3.76
CA ARG A 268 -32.98 20.60 3.57
C ARG A 268 -32.59 19.19 3.99
N MET A 269 -33.29 18.66 5.00
CA MET A 269 -33.10 17.28 5.44
C MET A 269 -33.77 16.28 4.50
N ASN A 270 -34.98 16.60 4.00
CA ASN A 270 -35.73 15.69 3.10
C ASN A 270 -36.86 16.39 2.33
N PRO A 271 -36.57 16.86 1.10
CA PRO A 271 -37.58 17.59 0.37
C PRO A 271 -38.73 16.71 -0.14
N HIS A 272 -38.73 15.44 0.26
CA HIS A 272 -39.84 14.53 -0.07
C HIS A 272 -40.76 14.27 1.12
N TYR A 273 -40.62 15.05 2.18
CA TYR A 273 -41.44 14.88 3.37
C TYR A 273 -41.76 16.23 4.02
N VAL A 276 -46.91 16.28 7.81
CA VAL A 276 -45.55 16.80 7.91
C VAL A 276 -45.34 17.73 9.14
N ARG A 277 -46.06 17.48 10.24
CA ARG A 277 -46.07 18.39 11.41
C ARG A 277 -45.75 17.81 12.81
N PHE A 278 -44.98 18.57 13.59
CA PHE A 278 -44.67 18.30 15.00
C PHE A 278 -45.16 19.45 15.87
N PRO A 279 -45.23 19.26 17.20
CA PRO A 279 -45.55 20.40 18.07
C PRO A 279 -44.37 21.37 18.16
N THR A 280 -44.66 22.64 18.41
CA THR A 280 -43.64 23.68 18.40
C THR A 280 -42.91 23.79 19.73
N LEU A 281 -41.59 23.58 19.69
CA LEU A 281 -40.73 23.63 20.87
C LEU A 281 -39.53 24.51 20.63
N LYS A 282 -39.22 25.38 21.57
CA LYS A 282 -38.06 26.24 21.48
C LYS A 282 -36.79 25.45 21.84
N ALA A 283 -35.68 25.81 21.21
CA ALA A 283 -34.37 25.24 21.52
C ALA A 283 -33.98 25.43 23.00
N LYS A 284 -33.33 24.43 23.56
CA LYS A 284 -32.70 24.57 24.85
C LYS A 284 -31.24 24.97 24.62
N ASP A 285 -30.58 25.43 25.68
CA ASP A 285 -29.22 25.91 25.63
C ASP A 285 -28.33 24.81 26.21
N TRP A 286 -27.39 24.30 25.40
CA TRP A 286 -26.49 23.22 25.83
C TRP A 286 -25.88 23.46 27.22
N ARG A 287 -25.65 24.73 27.56
CA ARG A 287 -25.06 25.11 28.86
C ARG A 287 -25.88 24.63 30.05
N LYS A 288 -27.16 24.35 29.81
CA LYS A 288 -28.04 23.83 30.85
C LYS A 288 -28.25 22.30 30.73
N ILE A 289 -27.90 21.71 29.59
CA ILE A 289 -27.96 20.24 29.41
C ILE A 289 -26.68 19.58 29.89
N LEU A 290 -25.54 20.07 29.38
CA LEU A 290 -24.21 19.52 29.70
C LEU A 290 -23.79 19.83 31.14
N PRO A 291 -22.79 19.09 31.67
CA PRO A 291 -22.37 19.24 33.09
C PRO A 291 -21.81 20.63 33.44
N GLU A 292 -21.93 21.00 34.71
CA GLU A 292 -21.58 22.35 35.20
C GLU A 292 -20.27 22.97 34.66
N GLY A 293 -19.21 22.18 34.60
CA GLY A 293 -17.90 22.69 34.18
C GLY A 293 -17.75 23.14 32.73
N THR A 294 -18.42 22.43 31.80
CA THR A 294 -18.14 22.50 30.34
C THR A 294 -17.67 23.84 29.77
N PRO A 295 -16.44 23.88 29.22
CA PRO A 295 -15.86 25.05 28.52
C PRO A 295 -16.75 25.54 27.39
N SER A 296 -16.74 26.84 27.12
CA SER A 296 -17.64 27.43 26.14
C SER A 296 -17.23 27.11 24.70
N LEU A 297 -15.92 27.01 24.48
CA LEU A 297 -15.43 26.57 23.16
C LEU A 297 -15.85 25.14 22.81
N ALA A 298 -16.01 24.29 23.81
CA ALA A 298 -16.51 22.94 23.60
C ALA A 298 -17.90 23.01 23.01
N ILE A 299 -18.73 23.86 23.60
CA ILE A 299 -20.13 24.02 23.21
C ILE A 299 -20.24 24.72 21.85
N ASP A 300 -19.42 25.76 21.67
CA ASP A 300 -19.33 26.43 20.38
C ASP A 300 -19.08 25.40 19.28
N LEU A 301 -18.08 24.54 19.50
CA LEU A 301 -17.78 23.53 18.50
C LEU A 301 -18.95 22.55 18.31
N LEU A 302 -19.65 22.20 19.39
CA LEU A 302 -20.76 21.26 19.32
C LEU A 302 -21.92 21.84 18.51
N GLU A 303 -22.22 23.11 18.79
CA GLU A 303 -23.22 23.89 18.06
C GLU A 303 -22.97 23.90 16.55
N GLN A 304 -21.70 23.91 16.15
CA GLN A 304 -21.38 23.99 14.74
C GLN A 304 -21.44 22.65 14.03
N ILE A 305 -21.51 21.56 14.80
CA ILE A 305 -21.68 20.21 14.22
C ILE A 305 -23.15 19.79 14.19
N LEU A 306 -23.87 20.02 15.30
CA LEU A 306 -25.25 19.55 15.39
C LEU A 306 -26.23 20.61 14.87
N ARG A 307 -26.14 20.88 13.57
CA ARG A 307 -27.12 21.66 12.83
C ARG A 307 -28.08 20.69 12.15
N TYR A 308 -29.35 21.06 12.07
CA TYR A 308 -30.35 20.30 11.31
C TYR A 308 -30.02 20.26 9.81
N GLU A 309 -29.58 21.39 9.26
CA GLU A 309 -29.29 21.55 7.84
C GLU A 309 -27.99 20.83 7.52
N PRO A 310 -28.09 19.68 6.82
CA PRO A 310 -26.93 18.82 6.60
C PRO A 310 -25.78 19.60 5.98
N ASP A 311 -26.06 20.33 4.90
CA ASP A 311 -25.07 21.23 4.27
C ASP A 311 -24.45 22.37 5.13
N LEU A 312 -24.91 22.56 6.35
CA LEU A 312 -24.37 23.63 7.21
C LEU A 312 -23.44 23.15 8.29
N ARG A 313 -23.48 21.85 8.54
CA ARG A 313 -22.61 21.22 9.52
C ARG A 313 -21.15 21.56 9.23
N ILE A 314 -20.39 21.89 10.27
CA ILE A 314 -18.98 22.28 10.09
C ILE A 314 -18.24 21.15 9.36
N ASN A 315 -17.44 21.52 8.37
CA ASN A 315 -16.66 20.50 7.68
C ASN A 315 -15.35 20.20 8.44
N PRO A 316 -14.87 18.94 8.35
CA PRO A 316 -13.83 18.38 9.23
C PRO A 316 -12.51 19.17 9.31
N TYR A 317 -12.03 19.70 8.18
CA TYR A 317 -10.79 20.47 8.21
C TYR A 317 -11.03 21.81 8.89
N GLU A 318 -12.16 22.44 8.58
CA GLU A 318 -12.55 23.69 9.23
C GLU A 318 -12.74 23.51 10.74
N ALA A 319 -13.15 22.31 11.15
CA ALA A 319 -13.32 21.96 12.57
C ALA A 319 -11.98 21.80 13.26
N MET A 320 -11.00 21.23 12.57
CA MET A 320 -9.64 21.15 13.12
C MET A 320 -9.05 22.56 13.30
N ALA A 321 -9.49 23.47 12.44
CA ALA A 321 -9.07 24.87 12.54
C ALA A 321 -9.82 25.60 13.65
N HIS A 322 -10.93 25.02 14.13
CA HIS A 322 -11.75 25.62 15.20
C HIS A 322 -10.90 25.86 16.46
N PRO A 323 -11.08 27.04 17.09
CA PRO A 323 -10.26 27.42 18.24
C PRO A 323 -10.29 26.46 19.45
N PHE A 324 -11.25 25.54 19.55
CA PHE A 324 -11.31 24.49 20.61
C PHE A 324 -10.07 23.61 20.65
N PHE A 325 -9.38 23.53 19.51
CA PHE A 325 -8.14 22.78 19.40
C PHE A 325 -6.93 23.72 19.50
N ASP A 326 -7.15 24.97 19.92
CA ASP A 326 -6.04 25.92 20.02
C ASP A 326 -5.00 25.50 21.06
N HIS A 327 -5.40 24.71 22.06
CA HIS A 327 -4.46 24.18 23.07
C HIS A 327 -3.50 23.09 22.56
N LEU A 328 -3.95 22.27 21.61
CA LEU A 328 -3.09 21.26 21.01
C LEU A 328 -2.03 21.94 20.16
N ARG A 329 -2.43 22.98 19.45
CA ARG A 329 -1.54 23.84 18.68
C ARG A 329 -0.54 24.58 19.59
N ASN A 330 -1.05 25.29 20.62
CA ASN A 330 -0.22 25.99 21.62
C ASN A 330 0.75 25.03 22.30
N SER A 331 0.24 23.88 22.73
CA SER A 331 1.07 22.77 23.23
C SER A 331 1.59 21.92 22.06
N ILE A 350 -0.20 12.72 23.76
CA ILE A 350 -0.37 13.44 22.48
C ILE A 350 0.30 12.73 21.26
N PRO A 351 -0.53 12.24 20.31
CA PRO A 351 -0.04 11.45 19.18
C PRO A 351 0.37 12.32 18.00
N GLN A 352 0.53 11.72 16.82
CA GLN A 352 0.78 12.52 15.64
C GLN A 352 -0.52 13.20 15.22
N LEU A 353 -0.43 14.49 14.91
CA LEU A 353 -1.58 15.33 14.60
C LEU A 353 -1.37 16.14 13.33
N PHE A 354 -0.11 16.46 13.02
CA PHE A 354 0.23 17.39 11.93
C PHE A 354 1.19 16.83 10.86
N ASN A 355 1.23 15.50 10.75
CA ASN A 355 2.07 14.83 9.76
C ASN A 355 1.27 14.49 8.51
N PHE A 356 0.77 15.52 7.84
CA PHE A 356 -0.13 15.33 6.71
C PHE A 356 0.56 14.63 5.54
N SER A 357 -0.14 13.66 4.96
CA SER A 357 0.32 12.94 3.77
C SER A 357 0.36 13.90 2.56
N PRO A 358 1.18 13.59 1.54
CA PRO A 358 1.13 14.42 0.34
C PRO A 358 -0.29 14.54 -0.21
N TYR A 359 -1.06 13.45 -0.16
CA TYR A 359 -2.46 13.47 -0.58
C TYR A 359 -3.32 14.44 0.27
N GLU A 360 -3.17 14.36 1.59
CA GLU A 360 -3.87 15.27 2.50
C GLU A 360 -3.58 16.74 2.17
N LEU A 361 -2.31 17.06 1.96
CA LEU A 361 -1.90 18.42 1.69
C LEU A 361 -2.53 19.00 0.43
N SER A 362 -2.79 18.15 -0.56
CA SER A 362 -3.29 18.62 -1.85
C SER A 362 -4.78 18.96 -1.85
N ILE A 363 -5.50 18.54 -0.81
CA ILE A 363 -6.95 18.69 -0.77
C ILE A 363 -7.45 19.54 0.41
N ILE A 364 -6.57 19.81 1.38
CA ILE A 364 -6.85 20.82 2.38
C ILE A 364 -6.64 22.18 1.72
N PRO A 365 -7.63 23.07 1.82
CA PRO A 365 -7.49 24.43 1.29
C PRO A 365 -6.43 25.24 2.04
N GLY A 366 -5.81 26.20 1.35
CA GLY A 366 -4.67 26.99 1.87
C GLY A 366 -4.85 27.68 3.21
N ASN A 367 -5.74 28.67 3.26
CA ASN A 367 -6.06 29.40 4.51
C ASN A 367 -6.42 28.46 5.67
N VAL A 368 -7.27 27.46 5.39
CA VAL A 368 -7.63 26.42 6.36
C VAL A 368 -6.41 25.69 6.94
N LEU A 369 -5.53 25.21 6.06
CA LEU A 369 -4.32 24.52 6.51
C LEU A 369 -3.54 25.34 7.55
N ASN A 370 -3.35 26.63 7.28
CA ASN A 370 -2.54 27.50 8.12
C ASN A 370 -3.15 27.69 9.50
N ARG A 371 -4.48 27.63 9.57
CA ARG A 371 -5.20 27.75 10.82
C ARG A 371 -5.11 26.45 11.62
N ILE A 372 -5.08 25.32 10.90
CA ILE A 372 -4.88 23.99 11.52
C ILE A 372 -3.49 23.82 12.14
N LEU A 373 -2.45 24.17 11.39
CA LEU A 373 -1.07 24.07 11.88
C LEU A 373 -0.79 25.03 13.02
N PRO A 374 0.16 24.66 13.91
CA PRO A 374 0.70 25.56 14.94
C PRO A 374 1.49 26.72 14.33
N LYS A 375 1.61 27.83 15.07
CA LYS A 375 2.32 29.04 14.60
C LYS A 375 3.85 28.90 14.58
N LYS B 7 -15.72 -9.30 -14.14
CA LYS B 7 -16.61 -8.21 -14.67
C LYS B 7 -15.92 -6.86 -14.57
N LYS B 8 -15.19 -6.64 -13.48
CA LYS B 8 -14.43 -5.41 -13.21
C LYS B 8 -13.21 -5.17 -14.16
N TYR B 9 -12.72 -6.24 -14.78
CA TYR B 9 -11.65 -6.13 -15.77
C TYR B 9 -12.09 -6.60 -17.17
N SER B 10 -12.03 -5.70 -18.13
CA SER B 10 -12.24 -6.09 -19.51
C SER B 10 -10.91 -6.45 -20.10
N LEU B 11 -10.95 -7.51 -20.89
CA LEU B 11 -9.76 -8.17 -21.40
C LEU B 11 -9.16 -7.45 -22.60
N GLY B 12 -7.83 -7.36 -22.60
CA GLY B 12 -7.09 -6.88 -23.77
C GLY B 12 -6.10 -7.87 -24.35
N LYS B 13 -5.13 -7.36 -25.15
CA LYS B 13 -4.09 -8.14 -25.81
C LYS B 13 -3.43 -9.15 -24.89
N THR B 14 -3.21 -10.37 -25.38
CA THR B 14 -2.35 -11.31 -24.69
C THR B 14 -0.93 -10.76 -24.78
N LEU B 15 -0.19 -10.86 -23.67
CA LEU B 15 1.22 -10.43 -23.58
C LEU B 15 2.25 -11.58 -23.49
N GLY B 16 1.84 -12.72 -22.96
CA GLY B 16 2.72 -13.87 -22.82
C GLY B 16 2.08 -15.01 -22.06
N THR B 17 2.46 -16.24 -22.38
CA THR B 17 1.87 -17.41 -21.70
C THR B 17 2.80 -17.93 -20.61
N PHE B 20 2.58 -21.54 -15.48
CA PHE B 20 1.26 -22.17 -15.28
C PHE B 20 0.06 -21.28 -15.64
N GLY B 21 0.29 -20.28 -16.51
CA GLY B 21 -0.80 -19.43 -16.96
C GLY B 21 -0.53 -18.51 -18.13
N ILE B 22 -1.16 -17.34 -18.09
CA ILE B 22 -1.16 -16.39 -19.17
C ILE B 22 -1.00 -14.99 -18.59
N VAL B 23 -0.54 -14.05 -19.39
CA VAL B 23 -0.37 -12.66 -18.99
C VAL B 23 -1.02 -11.75 -20.06
N CYS B 24 -1.99 -10.94 -19.62
CA CYS B 24 -2.79 -10.08 -20.48
C CYS B 24 -2.77 -8.62 -20.08
N GLU B 25 -3.24 -7.76 -20.99
CA GLU B 25 -3.54 -6.38 -20.68
C GLU B 25 -5.01 -6.31 -20.33
N VAL B 26 -5.34 -5.65 -19.23
CA VAL B 26 -6.74 -5.47 -18.82
C VAL B 26 -7.04 -4.02 -18.49
N PHE B 27 -8.33 -3.68 -18.52
CA PHE B 27 -8.79 -2.34 -18.17
C PHE B 27 -9.78 -2.35 -16.99
N ASP B 28 -9.51 -1.50 -16.01
CA ASP B 28 -10.42 -1.25 -14.88
C ASP B 28 -11.70 -0.59 -15.41
N ILE B 29 -12.79 -1.34 -15.36
CA ILE B 29 -14.09 -0.88 -15.84
C ILE B 29 -14.53 0.44 -15.21
N GLU B 30 -14.10 0.72 -13.98
CA GLU B 30 -14.53 1.96 -13.30
C GLU B 30 -13.62 3.16 -13.53
N SER B 31 -12.32 2.97 -13.41
CA SER B 31 -11.39 4.11 -13.54
C SER B 31 -10.89 4.41 -14.96
N GLY B 32 -11.02 3.43 -15.86
CA GLY B 32 -10.43 3.50 -17.20
C GLY B 32 -8.97 3.09 -17.27
N LYS B 33 -8.32 2.90 -16.13
CA LYS B 33 -6.88 2.67 -16.16
C LYS B 33 -6.55 1.30 -16.71
N ARG B 34 -5.32 1.17 -17.23
CA ARG B 34 -4.80 -0.06 -17.81
C ARG B 34 -3.81 -0.76 -16.88
N PHE B 35 -4.04 -2.05 -16.63
CA PHE B 35 -3.15 -2.85 -15.79
C PHE B 35 -2.71 -4.16 -16.45
N ALA B 36 -1.81 -4.89 -15.80
CA ALA B 36 -1.44 -6.23 -16.28
C ALA B 36 -2.08 -7.35 -15.44
N LEU B 37 -2.71 -8.29 -16.12
CA LEU B 37 -3.33 -9.45 -15.48
C LEU B 37 -2.47 -10.69 -15.68
N LYS B 38 -2.15 -11.39 -14.59
CA LYS B 38 -1.51 -12.70 -14.70
C LYS B 38 -2.43 -13.77 -14.14
N LYS B 39 -2.94 -14.61 -15.02
CA LYS B 39 -3.89 -15.63 -14.61
C LYS B 39 -3.18 -16.97 -14.52
N VAL B 40 -3.10 -17.52 -13.30
CA VAL B 40 -2.47 -18.83 -13.11
C VAL B 40 -3.36 -19.88 -12.45
N LEU B 41 -3.27 -21.09 -12.99
CA LEU B 41 -3.93 -22.25 -12.43
C LEU B 41 -3.35 -22.51 -11.04
N GLN B 42 -4.24 -22.70 -10.05
CA GLN B 42 -3.88 -22.59 -8.63
C GLN B 42 -4.94 -23.21 -7.72
N ASP B 43 -4.49 -23.96 -6.72
CA ASP B 43 -5.38 -24.51 -5.69
C ASP B 43 -5.48 -23.52 -4.51
N PRO B 44 -6.71 -23.05 -4.17
CA PRO B 44 -6.91 -22.21 -2.98
C PRO B 44 -6.61 -22.92 -1.65
N ARG B 45 -6.16 -24.18 -1.73
CA ARG B 45 -5.61 -24.88 -0.57
C ARG B 45 -4.24 -24.29 -0.22
N TYR B 46 -3.28 -24.44 -1.13
CA TYR B 46 -1.93 -23.91 -0.94
C TYR B 46 -1.85 -22.38 -1.13
N LYS B 47 -0.75 -21.82 -0.62
CA LYS B 47 -0.39 -20.44 -0.88
C LYS B 47 0.19 -20.32 -2.30
N ASN B 48 0.17 -19.11 -2.84
CA ASN B 48 0.91 -18.80 -4.01
C ASN B 48 2.14 -17.95 -3.61
N ARG B 49 3.32 -18.57 -3.75
CA ARG B 49 4.60 -17.91 -3.53
C ARG B 49 4.75 -16.58 -4.29
N GLU B 50 4.43 -16.55 -5.58
CA GLU B 50 4.54 -15.29 -6.33
C GLU B 50 3.65 -14.15 -5.77
N LEU B 51 2.38 -14.45 -5.47
CA LEU B 51 1.52 -13.44 -4.83
C LEU B 51 2.14 -12.93 -3.53
N ASP B 52 2.49 -13.86 -2.64
CA ASP B 52 3.19 -13.55 -1.38
C ASP B 52 4.43 -12.63 -1.49
N ILE B 53 5.27 -12.80 -2.51
CA ILE B 53 6.37 -11.84 -2.76
C ILE B 53 5.86 -10.48 -3.29
N MET B 54 5.05 -10.50 -4.35
CA MET B 54 4.42 -9.29 -4.85
C MET B 54 4.05 -8.38 -3.68
N LYS B 55 3.24 -8.94 -2.77
CA LYS B 55 2.63 -8.23 -1.65
C LYS B 55 3.56 -7.28 -0.90
N VAL B 56 4.86 -7.49 -1.03
CA VAL B 56 5.83 -6.79 -0.21
C VAL B 56 6.67 -5.76 -1.00
N LEU B 57 6.56 -5.80 -2.33
CA LEU B 57 7.35 -4.91 -3.22
C LEU B 57 6.70 -3.55 -3.44
N ASP B 58 7.17 -2.57 -2.68
CA ASP B 58 6.72 -1.20 -2.80
C ASP B 58 7.95 -0.34 -3.08
N HIS B 59 8.30 -0.25 -4.37
CA HIS B 59 9.43 0.55 -4.83
C HIS B 59 9.15 1.10 -6.23
N VAL B 60 9.64 2.31 -6.47
CA VAL B 60 9.41 3.06 -7.70
C VAL B 60 9.92 2.36 -8.99
N ASN B 61 10.97 1.55 -8.87
CA ASN B 61 11.51 0.82 -10.02
C ASN B 61 11.12 -0.65 -10.00
N ILE B 62 10.03 -0.98 -9.32
CA ILE B 62 9.55 -2.34 -9.32
C ILE B 62 8.06 -2.32 -9.59
N ILE B 63 7.56 -3.32 -10.30
CA ILE B 63 6.17 -3.38 -10.69
C ILE B 63 5.30 -3.65 -9.45
N LYS B 64 4.30 -2.79 -9.23
CA LYS B 64 3.43 -2.83 -8.05
C LYS B 64 2.18 -3.73 -8.17
N LEU B 65 1.85 -4.41 -7.08
CA LEU B 65 0.60 -5.14 -6.99
C LEU B 65 -0.56 -4.16 -6.79
N VAL B 66 -1.68 -4.42 -7.46
CA VAL B 66 -2.80 -3.50 -7.39
C VAL B 66 -4.05 -4.20 -6.87
N ASP B 67 -4.26 -5.44 -7.29
CA ASP B 67 -5.47 -6.20 -7.00
C ASP B 67 -5.20 -7.69 -7.26
N TYR B 68 -5.99 -8.55 -6.64
CA TYR B 68 -5.97 -9.98 -6.93
C TYR B 68 -7.28 -10.61 -6.53
N PHE B 69 -7.68 -11.66 -7.26
CA PHE B 69 -8.93 -12.38 -7.02
C PHE B 69 -8.95 -13.79 -7.63
N TYR B 70 -9.95 -14.59 -7.28
CA TYR B 70 -10.02 -15.99 -7.72
C TYR B 70 -11.15 -16.18 -8.73
N THR B 71 -11.06 -17.22 -9.55
CA THR B 71 -11.99 -17.35 -10.70
C THR B 71 -12.20 -18.78 -11.23
N THR B 72 -13.09 -18.90 -12.22
CA THR B 72 -13.50 -20.19 -12.81
C THR B 72 -13.99 -19.99 -14.24
N ASN B 110 -11.49 -26.38 -12.79
CA ASN B 110 -10.28 -25.55 -12.78
C ASN B 110 -10.47 -24.22 -12.02
N LYS B 111 -9.58 -23.95 -11.05
CA LYS B 111 -9.58 -22.72 -10.25
C LYS B 111 -8.34 -21.87 -10.54
N TYR B 112 -8.52 -20.56 -10.77
CA TYR B 112 -7.41 -19.69 -11.17
C TYR B 112 -7.21 -18.51 -10.25
N LEU B 113 -5.95 -18.13 -10.02
CA LEU B 113 -5.62 -16.92 -9.30
C LEU B 113 -5.30 -15.84 -10.33
N ASN B 114 -5.93 -14.67 -10.14
CA ASN B 114 -5.79 -13.53 -11.06
C ASN B 114 -5.05 -12.36 -10.40
N VAL B 115 -3.81 -12.13 -10.79
CA VAL B 115 -3.02 -11.06 -10.19
C VAL B 115 -3.03 -9.79 -11.07
N ILE B 116 -3.56 -8.72 -10.53
CA ILE B 116 -3.61 -7.46 -11.27
C ILE B 116 -2.44 -6.62 -10.82
N MET B 117 -1.62 -6.18 -11.77
CA MET B 117 -0.38 -5.43 -11.47
C MET B 117 -0.22 -4.15 -12.29
N GLU B 118 0.62 -3.23 -11.79
CA GLU B 118 1.09 -2.04 -12.51
C GLU B 118 1.55 -2.37 -13.94
N TYR B 119 1.19 -1.49 -14.88
CA TYR B 119 1.54 -1.71 -16.29
C TYR B 119 2.55 -0.69 -16.82
N VAL B 120 3.47 -1.18 -17.66
CA VAL B 120 4.45 -0.37 -18.35
C VAL B 120 4.47 -0.88 -19.80
N PRO B 121 4.45 0.05 -20.79
CA PRO B 121 4.15 -0.32 -22.19
C PRO B 121 5.25 -0.97 -23.04
N ASP B 122 6.48 -1.11 -22.55
CA ASP B 122 7.53 -1.76 -23.35
C ASP B 122 8.55 -2.56 -22.53
N THR B 123 9.23 -3.51 -23.18
CA THR B 123 10.30 -4.28 -22.56
C THR B 123 11.65 -3.91 -23.17
N LEU B 124 12.71 -3.99 -22.36
CA LEU B 124 14.08 -3.74 -22.80
C LEU B 124 14.49 -4.67 -23.96
N HIS B 125 13.82 -5.82 -24.05
CA HIS B 125 14.03 -6.78 -25.13
C HIS B 125 13.64 -6.14 -26.46
N LYS B 126 12.46 -5.53 -26.51
CA LYS B 126 11.98 -4.90 -27.74
C LYS B 126 12.77 -3.63 -28.17
N VAL B 127 13.23 -2.85 -27.19
CA VAL B 127 14.06 -1.66 -27.40
C VAL B 127 15.38 -2.09 -28.03
N LEU B 128 16.00 -3.11 -27.42
CA LEU B 128 17.29 -3.60 -27.82
C LEU B 128 17.23 -4.16 -29.22
N LYS B 129 16.20 -4.95 -29.50
CA LYS B 129 16.10 -5.53 -30.84
C LYS B 129 15.86 -4.46 -31.88
N SER B 130 15.30 -3.32 -31.47
CA SER B 130 14.99 -2.27 -32.41
C SER B 130 16.22 -1.50 -32.79
N PHE B 131 17.14 -1.35 -31.84
CA PHE B 131 18.37 -0.64 -32.13
C PHE B 131 19.21 -1.43 -33.12
N ILE B 132 19.31 -2.73 -32.91
CA ILE B 132 19.99 -3.64 -33.84
C ILE B 132 19.35 -3.53 -35.20
N ARG B 133 18.03 -3.60 -35.22
CA ARG B 133 17.24 -3.53 -36.43
C ARG B 133 17.54 -2.26 -37.22
N SER B 134 17.60 -1.11 -36.54
CA SER B 134 17.89 0.17 -37.20
C SER B 134 19.35 0.34 -37.60
N GLY B 135 20.24 -0.43 -37.00
CA GLY B 135 21.65 -0.39 -37.36
C GLY B 135 22.60 0.42 -36.48
N ARG B 136 22.13 0.83 -35.30
CA ARG B 136 22.89 1.71 -34.44
C ARG B 136 22.98 1.14 -33.02
N SER B 137 23.83 1.75 -32.19
CA SER B 137 24.01 1.35 -30.80
C SER B 137 23.17 2.17 -29.84
N ILE B 138 22.63 1.51 -28.82
CA ILE B 138 21.92 2.20 -27.77
C ILE B 138 22.90 3.22 -27.23
N PRO B 139 22.49 4.49 -27.15
CA PRO B 139 23.44 5.45 -26.58
C PRO B 139 23.82 5.06 -25.14
N MET B 140 25.12 5.17 -24.85
CA MET B 140 25.68 4.86 -23.52
C MET B 140 24.98 5.67 -22.45
N ASN B 141 24.63 6.91 -22.78
CA ASN B 141 23.90 7.76 -21.87
C ASN B 141 22.58 7.11 -21.45
N LEU B 142 21.89 6.48 -22.41
CA LEU B 142 20.66 5.79 -22.10
C LEU B 142 20.90 4.46 -21.37
N ILE B 143 21.87 3.67 -21.86
CA ILE B 143 22.27 2.44 -21.18
C ILE B 143 22.45 2.69 -19.69
N SER B 144 23.14 3.80 -19.35
CA SER B 144 23.38 4.13 -17.95
C SER B 144 22.10 4.41 -17.19
N ILE B 145 21.16 5.07 -17.85
CA ILE B 145 19.86 5.37 -17.26
C ILE B 145 19.14 4.06 -16.93
N TYR B 146 19.07 3.14 -17.89
CA TYR B 146 18.42 1.86 -17.61
C TYR B 146 19.12 1.09 -16.49
N ILE B 147 20.44 1.02 -16.54
CA ILE B 147 21.18 0.12 -15.66
C ILE B 147 21.22 0.61 -14.22
N TYR B 148 21.33 1.93 -14.04
CA TYR B 148 21.19 2.55 -12.71
C TYR B 148 19.89 2.16 -12.02
N GLN B 149 18.77 2.34 -12.71
CA GLN B 149 17.46 2.01 -12.16
C GLN B 149 17.39 0.53 -11.83
N LEU B 150 17.95 -0.30 -12.71
CA LEU B 150 18.02 -1.73 -12.43
C LEU B 150 18.72 -1.99 -11.09
N PHE B 151 19.92 -1.44 -10.92
CA PHE B 151 20.64 -1.54 -9.65
C PHE B 151 19.80 -1.10 -8.46
N ARG B 152 19.11 0.03 -8.60
CA ARG B 152 18.26 0.53 -7.51
C ARG B 152 17.20 -0.50 -7.13
N ALA B 153 16.51 -1.07 -8.11
CA ALA B 153 15.50 -2.11 -7.87
C ALA B 153 16.07 -3.29 -7.09
N VAL B 154 17.16 -3.85 -7.62
CA VAL B 154 17.76 -5.05 -7.06
C VAL B 154 18.27 -4.78 -5.63
N GLY B 155 18.92 -3.63 -5.43
CA GLY B 155 19.25 -3.17 -4.07
C GLY B 155 18.09 -3.32 -3.09
N PHE B 156 16.89 -2.94 -3.54
CA PHE B 156 15.69 -2.95 -2.69
C PHE B 156 15.22 -4.36 -2.33
N ILE B 157 15.12 -5.28 -3.30
CA ILE B 157 14.62 -6.63 -3.00
C ILE B 157 15.63 -7.39 -2.16
N HIS B 158 16.92 -7.15 -2.43
CA HIS B 158 18.02 -7.77 -1.64
C HIS B 158 18.09 -7.26 -0.17
N SER B 159 17.55 -6.09 0.11
CA SER B 159 17.48 -5.61 1.50
C SER B 159 16.38 -6.34 2.26
N LEU B 160 15.63 -7.18 1.54
CA LEU B 160 14.59 -8.02 2.13
C LEU B 160 14.92 -9.52 1.99
N GLY B 161 16.09 -9.86 1.49
CA GLY B 161 16.48 -11.27 1.31
C GLY B 161 15.88 -11.92 0.08
N ILE B 162 15.23 -11.09 -0.74
CA ILE B 162 14.53 -11.57 -1.91
C ILE B 162 15.40 -11.48 -3.16
N CYS B 163 15.36 -12.55 -3.94
CA CYS B 163 16.20 -12.77 -5.10
C CYS B 163 15.27 -13.03 -6.28
N HIS B 164 15.56 -12.47 -7.44
CA HIS B 164 14.65 -12.60 -8.59
C HIS B 164 14.85 -13.95 -9.32
N ARG B 165 16.12 -14.25 -9.60
CA ARG B 165 16.57 -15.53 -10.16
C ARG B 165 16.34 -15.66 -11.66
N ASP B 166 15.70 -14.66 -12.28
CA ASP B 166 15.52 -14.70 -13.75
C ASP B 166 15.47 -13.32 -14.42
N ILE B 167 16.36 -12.42 -13.99
CA ILE B 167 16.49 -11.09 -14.60
C ILE B 167 16.99 -11.26 -16.05
N LYS B 168 16.25 -10.68 -16.99
CA LYS B 168 16.52 -10.75 -18.42
C LYS B 168 15.77 -9.58 -19.07
N PRO B 169 16.19 -9.14 -20.28
CA PRO B 169 15.60 -7.97 -20.95
C PRO B 169 14.10 -8.09 -21.21
N GLN B 170 13.62 -9.31 -21.43
CA GLN B 170 12.18 -9.57 -21.46
C GLN B 170 11.51 -9.22 -20.13
N ASN B 171 12.26 -9.24 -19.03
CA ASN B 171 11.72 -8.87 -17.71
C ASN B 171 11.92 -7.42 -17.29
N LEU B 172 12.54 -6.60 -18.12
CA LEU B 172 12.82 -5.23 -17.72
C LEU B 172 11.97 -4.24 -18.50
N LEU B 173 10.92 -3.77 -17.84
CA LEU B 173 9.93 -2.91 -18.47
C LEU B 173 10.42 -1.48 -18.57
N VAL B 174 10.23 -0.88 -19.75
CA VAL B 174 10.73 0.44 -20.06
C VAL B 174 9.57 1.31 -20.52
N ASN B 175 9.60 2.58 -20.09
CA ASN B 175 8.67 3.58 -20.58
C ASN B 175 9.42 4.47 -21.55
N SER B 176 8.90 4.57 -22.77
CA SER B 176 9.52 5.39 -23.82
C SER B 176 9.57 6.89 -23.47
N LYS B 177 8.51 7.38 -22.80
CA LYS B 177 8.34 8.82 -22.52
C LYS B 177 9.17 9.36 -21.35
N ASP B 178 9.74 8.45 -20.55
CA ASP B 178 10.38 8.81 -19.29
C ASP B 178 11.77 8.19 -19.18
N ASN B 179 11.93 7.10 -19.91
CA ASN B 179 13.06 6.22 -19.73
C ASN B 179 13.06 5.51 -18.35
N THR B 180 11.91 5.48 -17.70
CA THR B 180 11.69 4.70 -16.47
C THR B 180 11.83 3.20 -16.77
N LEU B 181 12.58 2.51 -15.94
CA LEU B 181 12.73 1.07 -16.05
C LEU B 181 12.10 0.39 -14.81
N LYS B 182 11.35 -0.69 -15.01
CA LYS B 182 10.75 -1.43 -13.89
C LYS B 182 10.92 -2.93 -14.02
N LEU B 183 11.35 -3.54 -12.93
CA LEU B 183 11.57 -4.98 -12.87
C LEU B 183 10.23 -5.71 -12.60
N CYS B 184 9.89 -6.69 -13.41
CA CYS B 184 8.65 -7.43 -13.21
C CYS B 184 8.82 -8.93 -13.19
N ASP B 185 7.67 -9.61 -13.14
CA ASP B 185 7.56 -11.07 -13.12
C ASP B 185 8.34 -11.73 -12.00
N PHE B 186 7.69 -11.91 -10.86
CA PHE B 186 8.35 -12.58 -9.75
C PHE B 186 7.95 -14.05 -9.59
N GLY B 187 7.46 -14.63 -10.67
CA GLY B 187 7.05 -16.03 -10.71
C GLY B 187 8.18 -17.01 -10.47
N SER B 188 9.41 -16.51 -10.57
CA SER B 188 10.57 -17.36 -10.45
C SER B 188 11.43 -16.99 -9.24
N ALA B 189 10.94 -16.01 -8.47
CA ALA B 189 11.64 -15.43 -7.33
C ALA B 189 11.46 -16.19 -6.02
N LYS B 190 12.36 -15.96 -5.08
CA LYS B 190 12.31 -16.61 -3.76
C LYS B 190 13.06 -15.79 -2.71
N LYS B 191 12.53 -15.83 -1.49
CA LYS B 191 13.18 -15.26 -0.32
C LYS B 191 14.22 -16.28 0.13
N LEU B 192 15.49 -15.97 -0.09
CA LEU B 192 16.56 -16.86 0.28
C LEU B 192 16.78 -16.90 1.79
N ILE B 193 16.69 -18.08 2.39
CA ILE B 193 16.93 -18.21 3.82
C ILE B 193 18.35 -18.69 4.03
N PRO B 194 19.28 -17.76 4.37
CA PRO B 194 20.75 -18.00 4.28
C PRO B 194 21.23 -19.21 5.08
N SER B 195 20.45 -19.63 6.08
CA SER B 195 20.80 -20.76 6.93
C SER B 195 20.28 -22.03 6.34
N GLU B 196 19.74 -21.94 5.13
CA GLU B 196 19.03 -23.06 4.55
C GLU B 196 19.34 -23.32 3.08
N PRO B 197 19.64 -24.58 2.75
CA PRO B 197 20.06 -24.90 1.39
C PRO B 197 18.88 -24.93 0.41
N SER B 198 19.12 -24.40 -0.79
CA SER B 198 18.23 -24.57 -1.92
C SER B 198 18.68 -25.79 -2.75
N VAL B 199 17.75 -26.32 -3.55
CA VAL B 199 18.03 -27.40 -4.48
C VAL B 199 18.41 -26.76 -5.82
N ALA B 200 19.40 -27.32 -6.50
CA ALA B 200 19.86 -26.74 -7.77
C ALA B 200 18.98 -27.18 -8.96
N PTR B 201 18.00 -26.35 -9.30
CA PTR B 201 17.06 -26.67 -10.40
C PTR B 201 16.73 -25.49 -11.30
O PTR B 201 15.62 -25.38 -11.82
CB PTR B 201 15.79 -27.41 -9.94
CG PTR B 201 15.00 -26.75 -8.82
CD1 PTR B 201 14.28 -27.52 -7.91
CD2 PTR B 201 14.95 -25.36 -8.68
CE1 PTR B 201 13.55 -26.93 -6.88
CE2 PTR B 201 14.22 -24.77 -7.66
CZ PTR B 201 13.52 -25.55 -6.76
OH PTR B 201 12.84 -25.08 -5.84
P PTR B 201 12.94 -23.60 -5.21
O1P PTR B 201 14.34 -23.11 -5.17
O2P PTR B 201 12.35 -23.65 -3.79
O3P PTR B 201 12.18 -22.58 -6.08
N ILE B 202 17.70 -24.60 -11.46
CA ILE B 202 17.54 -23.38 -12.22
C ILE B 202 18.34 -23.50 -13.52
N CYS B 203 17.60 -23.60 -14.63
CA CYS B 203 18.14 -23.78 -15.96
C CYS B 203 17.64 -22.66 -16.86
N SER B 204 18.54 -21.96 -17.51
CA SER B 204 18.12 -20.88 -18.40
C SER B 204 19.30 -20.35 -19.18
N ARG B 205 19.03 -19.83 -20.37
N ARG B 205 19.02 -19.83 -20.37
CA ARG B 205 20.06 -19.33 -21.26
CA ARG B 205 20.03 -19.29 -21.26
C ARG B 205 20.51 -17.92 -20.90
C ARG B 205 20.55 -17.93 -20.79
N PHE B 206 21.76 -17.60 -21.23
CA PHE B 206 22.33 -16.23 -21.19
C PHE B 206 22.74 -15.64 -19.83
N TYR B 207 21.83 -15.64 -18.86
CA TYR B 207 21.96 -14.79 -17.68
C TYR B 207 22.21 -15.47 -16.32
N ARG B 208 22.40 -16.79 -16.28
CA ARG B 208 22.65 -17.48 -15.00
C ARG B 208 24.04 -17.17 -14.50
N ALA B 209 24.16 -17.06 -13.20
CA ALA B 209 25.45 -16.94 -12.55
C ALA B 209 26.21 -18.28 -12.66
N PRO B 210 27.55 -18.24 -12.79
CA PRO B 210 28.29 -19.51 -12.96
C PRO B 210 28.06 -20.51 -11.84
N GLU B 211 27.74 -20.01 -10.64
CA GLU B 211 27.58 -20.89 -9.50
C GLU B 211 26.35 -21.80 -9.65
N LEU B 212 25.31 -21.30 -10.32
CA LEU B 212 24.14 -22.10 -10.68
C LEU B 212 24.49 -23.17 -11.72
N MET B 213 25.46 -22.90 -12.57
CA MET B 213 25.86 -23.87 -13.61
C MET B 213 26.68 -24.97 -12.96
N LEU B 214 27.27 -24.65 -11.80
CA LEU B 214 28.09 -25.62 -11.06
C LEU B 214 27.26 -26.38 -10.02
N GLY B 215 25.94 -26.20 -10.08
CA GLY B 215 25.03 -26.93 -9.20
C GLY B 215 25.02 -26.50 -7.74
N ALA B 216 25.43 -25.26 -7.49
CA ALA B 216 25.52 -24.73 -6.13
C ALA B 216 24.22 -24.91 -5.35
N THR B 217 24.38 -25.13 -4.07
CA THR B 217 23.26 -25.38 -3.22
C THR B 217 23.07 -24.23 -2.21
N GLU B 218 24.04 -23.33 -2.17
CA GLU B 218 24.18 -22.32 -1.13
C GLU B 218 24.47 -21.00 -1.82
N TYR B 219 23.82 -20.80 -2.96
CA TYR B 219 23.96 -19.57 -3.74
C TYR B 219 23.27 -18.49 -2.99
N THR B 220 23.49 -17.24 -3.39
CA THR B 220 23.00 -16.09 -2.64
C THR B 220 22.34 -15.09 -3.59
N PRO B 221 21.83 -13.97 -3.04
CA PRO B 221 21.16 -13.08 -4.01
C PRO B 221 22.16 -12.54 -5.03
N SER B 222 23.45 -12.64 -4.70
CA SER B 222 24.55 -12.28 -5.62
C SER B 222 24.30 -12.75 -7.06
N ILE B 223 23.60 -13.87 -7.21
CA ILE B 223 23.28 -14.37 -8.54
C ILE B 223 22.65 -13.31 -9.45
N ASP B 224 21.81 -12.44 -8.89
CA ASP B 224 21.14 -11.39 -9.67
C ASP B 224 22.17 -10.44 -10.26
N LEU B 225 23.21 -10.17 -9.48
CA LEU B 225 24.27 -9.25 -9.88
C LEU B 225 24.98 -9.71 -11.12
N TRP B 226 25.27 -10.99 -11.22
CA TRP B 226 25.68 -11.60 -12.49
C TRP B 226 24.69 -11.36 -13.64
N SER B 227 23.40 -11.46 -13.36
CA SER B 227 22.43 -11.22 -14.43
C SER B 227 22.56 -9.76 -14.91
N ILE B 228 22.52 -8.80 -13.99
CA ILE B 228 22.65 -7.39 -14.35
C ILE B 228 23.85 -7.21 -15.27
N GLY B 229 25.01 -7.71 -14.84
CA GLY B 229 26.21 -7.68 -15.67
C GLY B 229 25.94 -8.17 -17.09
N CYS B 230 25.22 -9.29 -17.20
CA CYS B 230 24.99 -9.87 -18.49
C CYS B 230 24.10 -8.98 -19.31
N VAL B 231 23.07 -8.43 -18.68
CA VAL B 231 22.19 -7.50 -19.37
C VAL B 231 22.99 -6.29 -19.83
N PHE B 232 23.75 -5.70 -18.91
CA PHE B 232 24.60 -4.56 -19.19
C PHE B 232 25.49 -4.79 -20.41
N GLY B 233 26.20 -5.92 -20.42
CA GLY B 233 27.07 -6.24 -21.54
C GLY B 233 26.36 -6.34 -22.87
N GLU B 234 25.23 -7.06 -22.87
CA GLU B 234 24.45 -7.29 -24.09
C GLU B 234 24.03 -5.95 -24.71
N LEU B 235 23.48 -5.08 -23.87
CA LEU B 235 23.13 -3.72 -24.25
C LEU B 235 24.30 -3.04 -24.96
N ILE B 236 25.53 -3.29 -24.49
CA ILE B 236 26.68 -2.62 -25.06
C ILE B 236 27.12 -3.27 -26.35
N LEU B 237 27.16 -4.60 -26.33
CA LEU B 237 27.65 -5.42 -27.44
C LEU B 237 26.64 -5.59 -28.55
N GLY B 238 25.36 -5.63 -28.21
CA GLY B 238 24.35 -5.80 -29.22
C GLY B 238 23.98 -7.25 -29.42
N LYS B 239 24.55 -8.13 -28.59
CA LYS B 239 24.16 -9.54 -28.55
C LYS B 239 24.63 -10.12 -27.20
N PRO B 240 24.09 -11.29 -26.79
CA PRO B 240 24.42 -11.77 -25.44
C PRO B 240 25.89 -12.15 -25.29
N LEU B 241 26.36 -12.10 -24.05
CA LEU B 241 27.75 -12.36 -23.74
C LEU B 241 28.07 -13.85 -23.81
N PHE B 242 27.18 -14.66 -23.25
CA PHE B 242 27.46 -16.10 -23.00
C PHE B 242 26.36 -17.01 -23.54
N SER B 243 26.47 -17.44 -24.79
CA SER B 243 25.47 -18.33 -25.35
C SER B 243 25.75 -19.79 -24.95
N GLY B 244 24.85 -20.70 -25.35
CA GLY B 244 24.97 -22.11 -25.00
C GLY B 244 23.68 -22.76 -24.54
N GLU B 245 23.42 -23.97 -25.02
CA GLU B 245 22.19 -24.68 -24.69
C GLU B 245 22.30 -25.43 -23.37
N THR B 246 23.51 -25.87 -23.01
CA THR B 246 23.68 -26.63 -21.79
C THR B 246 24.53 -25.88 -20.77
N SER B 247 24.61 -26.41 -19.56
CA SER B 247 25.44 -25.78 -18.54
C SER B 247 26.92 -25.80 -18.96
N ILE B 248 27.38 -26.94 -19.46
CA ILE B 248 28.76 -27.06 -19.93
C ILE B 248 29.04 -26.00 -20.99
N ASP B 249 28.20 -25.97 -22.03
CA ASP B 249 28.30 -24.98 -23.10
C ASP B 249 28.44 -23.54 -22.56
N GLN B 250 27.59 -23.20 -21.60
CA GLN B 250 27.56 -21.89 -20.99
C GLN B 250 28.81 -21.58 -20.18
N LEU B 251 29.27 -22.58 -19.41
CA LEU B 251 30.49 -22.45 -18.64
C LEU B 251 31.67 -22.21 -19.54
N VAL B 252 31.81 -23.07 -20.54
CA VAL B 252 32.91 -22.94 -21.49
C VAL B 252 33.00 -21.51 -22.06
N ARG B 253 31.88 -20.97 -22.56
CA ARG B 253 31.85 -19.60 -23.10
C ARG B 253 32.33 -18.54 -22.08
N ILE B 254 32.01 -18.72 -20.79
CA ILE B 254 32.44 -17.79 -19.76
C ILE B 254 33.96 -17.90 -19.59
N ILE B 255 34.43 -19.13 -19.42
CA ILE B 255 35.86 -19.44 -19.36
C ILE B 255 36.61 -18.84 -20.59
N GLN B 256 36.06 -19.04 -21.79
CA GLN B 256 36.66 -18.49 -23.01
C GLN B 256 36.95 -16.99 -22.97
N ILE B 257 36.26 -16.26 -22.11
CA ILE B 257 36.39 -14.80 -22.07
C ILE B 257 37.06 -14.31 -20.79
N MET B 258 36.71 -14.92 -19.66
CA MET B 258 37.19 -14.46 -18.36
C MET B 258 38.29 -15.31 -17.75
N GLY B 259 38.74 -16.33 -18.48
CA GLY B 259 39.80 -17.21 -18.00
C GLY B 259 39.29 -18.34 -17.12
N THR B 260 40.10 -19.38 -16.98
CA THR B 260 39.74 -20.50 -16.13
C THR B 260 39.72 -20.02 -14.67
N PRO B 261 38.65 -20.33 -13.94
CA PRO B 261 38.64 -20.02 -12.51
C PRO B 261 39.75 -20.74 -11.78
N THR B 262 40.36 -20.07 -10.81
CA THR B 262 41.33 -20.69 -9.91
C THR B 262 40.56 -21.62 -8.97
N LYS B 263 41.27 -22.38 -8.14
CA LYS B 263 40.64 -23.29 -7.18
C LYS B 263 39.88 -22.51 -6.12
N GLU B 264 40.52 -21.45 -5.60
CA GLU B 264 39.90 -20.57 -4.63
C GLU B 264 38.59 -20.04 -5.19
N GLN B 265 38.56 -19.75 -6.49
CA GLN B 265 37.33 -19.31 -7.14
C GLN B 265 36.25 -20.38 -7.29
N MET B 266 36.67 -21.63 -7.50
CA MET B 266 35.71 -22.74 -7.59
C MET B 266 35.01 -22.99 -6.25
N ILE B 267 35.79 -23.02 -5.16
CA ILE B 267 35.26 -23.21 -3.81
C ILE B 267 34.26 -22.12 -3.50
N ARG B 268 34.62 -20.89 -3.79
CA ARG B 268 33.75 -19.79 -3.43
C ARG B 268 32.43 -19.82 -4.22
N MET B 269 32.48 -20.38 -5.43
CA MET B 269 31.26 -20.62 -6.19
C MET B 269 30.48 -21.83 -5.68
N ASN B 270 31.16 -22.91 -5.37
CA ASN B 270 30.51 -24.11 -4.87
C ASN B 270 31.55 -25.04 -4.23
N PRO B 271 31.59 -25.11 -2.88
CA PRO B 271 32.62 -25.92 -2.21
C PRO B 271 32.34 -27.44 -2.29
N HIS B 272 31.16 -27.79 -2.79
CA HIS B 272 30.77 -29.19 -2.95
C HIS B 272 31.25 -29.79 -4.27
N TYR B 273 31.96 -29.01 -5.08
CA TYR B 273 32.43 -29.47 -6.38
C TYR B 273 33.87 -29.03 -6.65
N VAL B 276 36.86 -32.27 -10.72
CA VAL B 276 36.66 -30.84 -10.92
C VAL B 276 37.83 -30.15 -11.65
N ARG B 277 37.91 -30.32 -12.98
CA ARG B 277 39.00 -29.73 -13.79
C ARG B 277 38.65 -29.35 -15.25
N PHE B 278 39.05 -28.13 -15.65
CA PHE B 278 38.96 -27.65 -17.03
C PHE B 278 40.37 -27.42 -17.59
N PRO B 279 40.49 -27.15 -18.91
CA PRO B 279 41.78 -26.71 -19.41
C PRO B 279 42.06 -25.27 -18.99
N THR B 280 43.34 -24.93 -18.96
CA THR B 280 43.80 -23.65 -18.44
C THR B 280 43.79 -22.59 -19.54
N LEU B 281 42.89 -21.62 -19.39
CA LEU B 281 42.76 -20.52 -20.35
C LEU B 281 42.90 -19.18 -19.65
N LYS B 282 43.75 -18.31 -20.19
CA LYS B 282 43.97 -16.99 -19.59
C LYS B 282 42.79 -16.06 -19.88
N ALA B 283 42.55 -15.11 -18.99
CA ALA B 283 41.49 -14.10 -19.17
C ALA B 283 41.74 -13.25 -20.42
N LYS B 284 40.66 -12.77 -21.02
CA LYS B 284 40.77 -11.78 -22.09
C LYS B 284 40.29 -10.43 -21.58
N ASP B 285 40.74 -9.38 -22.27
CA ASP B 285 40.37 -8.00 -21.98
C ASP B 285 39.01 -7.72 -22.59
N TRP B 286 38.08 -7.17 -21.80
CA TRP B 286 36.78 -6.75 -22.32
C TRP B 286 36.89 -5.75 -23.48
N ARG B 287 37.96 -4.95 -23.48
CA ARG B 287 38.21 -3.94 -24.51
C ARG B 287 38.47 -4.56 -25.87
N LYS B 288 38.83 -5.83 -25.88
CA LYS B 288 39.02 -6.58 -27.11
C LYS B 288 37.78 -7.41 -27.48
N ILE B 289 36.82 -7.52 -26.57
CA ILE B 289 35.60 -8.30 -26.82
C ILE B 289 34.47 -7.37 -27.26
N LEU B 290 34.31 -6.28 -26.50
CA LEU B 290 33.28 -5.30 -26.78
C LEU B 290 33.60 -4.47 -28.03
N PRO B 291 32.58 -3.80 -28.61
CA PRO B 291 32.70 -2.98 -29.83
C PRO B 291 33.70 -1.85 -29.70
N GLU B 292 34.20 -1.39 -30.83
CA GLU B 292 35.33 -0.46 -30.92
C GLU B 292 35.21 0.95 -30.31
N GLY B 293 34.03 1.40 -29.91
CA GLY B 293 33.93 2.73 -29.29
C GLY B 293 33.91 2.79 -27.76
N THR B 294 33.76 1.63 -27.12
CA THR B 294 33.32 1.52 -25.71
C THR B 294 34.12 2.29 -24.66
N PRO B 295 33.47 3.26 -23.97
CA PRO B 295 34.07 4.03 -22.86
C PRO B 295 34.70 3.15 -21.79
N SER B 296 35.80 3.65 -21.21
CA SER B 296 36.56 2.90 -20.19
C SER B 296 35.79 2.75 -18.89
N LEU B 297 35.06 3.79 -18.50
CA LEU B 297 34.22 3.73 -17.32
C LEU B 297 33.19 2.60 -17.38
N ALA B 298 32.63 2.38 -18.57
CA ALA B 298 31.63 1.31 -18.80
C ALA B 298 32.24 -0.04 -18.54
N ILE B 299 33.46 -0.22 -18.99
CA ILE B 299 34.16 -1.49 -18.89
C ILE B 299 34.66 -1.72 -17.47
N ASP B 300 35.02 -0.63 -16.79
CA ASP B 300 35.49 -0.73 -15.44
C ASP B 300 34.36 -1.22 -14.54
N LEU B 301 33.17 -0.65 -14.74
CA LEU B 301 32.01 -1.11 -13.97
C LEU B 301 31.67 -2.56 -14.32
N LEU B 302 31.78 -2.90 -15.59
CA LEU B 302 31.47 -4.26 -16.04
C LEU B 302 32.40 -5.25 -15.36
N GLU B 303 33.69 -4.89 -15.27
CA GLU B 303 34.72 -5.69 -14.60
C GLU B 303 34.41 -5.91 -13.14
N GLN B 304 33.68 -4.97 -12.54
CA GLN B 304 33.40 -5.05 -11.12
C GLN B 304 32.16 -5.87 -10.83
N ILE B 305 31.32 -6.06 -11.84
CA ILE B 305 30.13 -6.88 -11.71
C ILE B 305 30.44 -8.36 -11.99
N LEU B 306 30.97 -8.65 -13.18
CA LEU B 306 31.17 -10.04 -13.59
C LEU B 306 32.44 -10.63 -12.99
N ARG B 307 32.34 -10.98 -11.71
CA ARG B 307 33.42 -11.63 -10.96
C ARG B 307 32.92 -13.02 -10.68
N TYR B 308 33.84 -13.99 -10.67
CA TYR B 308 33.50 -15.36 -10.35
C TYR B 308 33.05 -15.49 -8.89
N GLU B 309 33.81 -14.86 -7.99
CA GLU B 309 33.54 -14.90 -6.56
C GLU B 309 32.25 -14.18 -6.26
N PRO B 310 31.19 -14.94 -5.92
CA PRO B 310 29.88 -14.30 -5.75
C PRO B 310 30.00 -13.15 -4.75
N ASP B 311 30.58 -13.42 -3.60
CA ASP B 311 30.78 -12.41 -2.55
C ASP B 311 31.56 -11.13 -2.95
N LEU B 312 32.17 -11.12 -4.13
CA LEU B 312 33.04 -10.02 -4.52
C LEU B 312 32.40 -9.05 -5.53
N ARG B 313 31.33 -9.50 -6.19
CA ARG B 313 30.53 -8.69 -7.10
C ARG B 313 30.16 -7.39 -6.41
N ILE B 314 30.14 -6.28 -7.16
CA ILE B 314 29.82 -4.97 -6.60
C ILE B 314 28.40 -4.95 -6.00
N ASN B 315 28.32 -4.38 -4.81
CA ASN B 315 27.06 -4.05 -4.17
C ASN B 315 26.23 -3.03 -4.98
N PRO B 316 24.90 -3.23 -5.13
CA PRO B 316 24.10 -2.31 -5.98
C PRO B 316 24.25 -0.83 -5.65
N TYR B 317 24.29 -0.48 -4.36
CA TYR B 317 24.43 0.92 -4.00
C TYR B 317 25.85 1.41 -4.27
N GLU B 318 26.82 0.54 -4.06
CA GLU B 318 28.19 0.82 -4.44
C GLU B 318 28.30 1.15 -5.92
N ALA B 319 27.67 0.32 -6.76
CA ALA B 319 27.61 0.49 -8.21
C ALA B 319 26.92 1.79 -8.61
N MET B 320 25.89 2.18 -7.85
CA MET B 320 25.24 3.46 -8.12
C MET B 320 26.19 4.65 -7.88
N ALA B 321 27.11 4.46 -6.94
CA ALA B 321 28.14 5.46 -6.61
C ALA B 321 29.37 5.41 -7.54
N HIS B 322 29.33 4.51 -8.53
CA HIS B 322 30.47 4.32 -9.44
C HIS B 322 30.58 5.47 -10.46
N PRO B 323 31.82 5.93 -10.72
CA PRO B 323 32.10 7.04 -11.62
C PRO B 323 31.35 6.98 -12.97
N PHE B 324 30.96 5.77 -13.41
CA PHE B 324 30.21 5.59 -14.66
C PHE B 324 28.87 6.33 -14.68
N PHE B 325 28.36 6.67 -13.49
CA PHE B 325 27.08 7.38 -13.40
C PHE B 325 27.30 8.85 -13.06
N ASP B 326 28.55 9.30 -13.10
CA ASP B 326 28.87 10.68 -12.75
C ASP B 326 28.17 11.69 -13.65
N HIS B 327 27.88 11.32 -14.89
CA HIS B 327 27.17 12.23 -15.79
C HIS B 327 25.68 12.34 -15.50
N LEU B 328 25.09 11.32 -14.89
CA LEU B 328 23.71 11.41 -14.40
C LEU B 328 23.63 12.37 -13.20
N ARG B 329 24.65 12.31 -12.34
CA ARG B 329 24.76 13.20 -11.18
C ARG B 329 24.96 14.66 -11.61
N ASN B 330 25.71 14.87 -12.70
CA ASN B 330 25.80 16.17 -13.35
C ASN B 330 24.52 16.49 -14.14
N SER B 331 23.37 16.35 -13.46
CA SER B 331 22.02 16.61 -14.01
C SER B 331 21.82 16.31 -15.51
N ASN B 349 16.31 11.91 -22.09
CA ASN B 349 15.38 12.22 -21.01
C ASN B 349 15.72 11.42 -19.78
N ILE B 350 15.54 12.05 -18.62
CA ILE B 350 15.90 11.42 -17.37
C ILE B 350 14.66 11.28 -16.45
N PRO B 351 14.43 10.06 -15.94
CA PRO B 351 13.39 9.82 -14.96
C PRO B 351 13.85 10.18 -13.55
N GLN B 352 13.17 9.65 -12.53
CA GLN B 352 13.53 9.89 -11.14
C GLN B 352 14.65 8.95 -10.73
N LEU B 353 15.71 9.52 -10.14
CA LEU B 353 16.90 8.77 -9.75
C LEU B 353 17.20 8.89 -8.27
N PHE B 354 16.85 10.02 -7.69
CA PHE B 354 17.27 10.36 -6.32
C PHE B 354 16.14 10.62 -5.31
N ASN B 355 14.91 10.24 -5.67
CA ASN B 355 13.76 10.37 -4.78
C ASN B 355 13.61 9.17 -3.81
N PHE B 356 14.66 8.90 -3.04
CA PHE B 356 14.68 7.75 -2.14
C PHE B 356 13.57 7.78 -1.10
N SER B 357 12.92 6.63 -0.92
CA SER B 357 11.90 6.46 0.11
C SER B 357 12.57 6.44 1.47
N PRO B 358 11.81 6.70 2.55
CA PRO B 358 12.42 6.63 3.89
C PRO B 358 12.93 5.23 4.24
N TYR B 359 12.40 4.20 3.59
CA TYR B 359 12.96 2.87 3.71
C TYR B 359 14.37 2.76 3.10
N GLU B 360 14.52 3.21 1.85
CA GLU B 360 15.82 3.17 1.17
C GLU B 360 16.89 3.94 1.97
N LEU B 361 16.52 5.13 2.45
CA LEU B 361 17.43 5.96 3.24
C LEU B 361 17.89 5.24 4.50
N SER B 362 17.04 4.40 5.08
CA SER B 362 17.38 3.68 6.29
C SER B 362 18.41 2.60 5.98
N ILE B 363 18.45 2.18 4.73
CA ILE B 363 19.24 1.02 4.28
C ILE B 363 20.60 1.35 3.62
N ILE B 364 20.65 2.39 2.81
CA ILE B 364 21.89 2.85 2.20
C ILE B 364 22.87 3.39 3.24
N PRO B 365 24.13 2.91 3.22
CA PRO B 365 25.17 3.45 4.11
C PRO B 365 25.49 4.91 3.82
N GLY B 366 25.84 5.66 4.86
CA GLY B 366 26.10 7.09 4.77
C GLY B 366 27.24 7.52 3.88
N ASN B 367 28.33 6.74 3.87
CA ASN B 367 29.44 7.02 2.94
C ASN B 367 28.94 6.92 1.51
N VAL B 368 28.33 5.79 1.21
CA VAL B 368 27.76 5.48 -0.10
C VAL B 368 26.73 6.50 -0.62
N LEU B 369 25.75 6.81 0.23
CA LEU B 369 24.68 7.76 -0.12
C LEU B 369 25.24 9.06 -0.65
N ASN B 370 26.23 9.59 0.04
CA ASN B 370 26.86 10.85 -0.34
C ASN B 370 27.56 10.80 -1.70
N ARG B 371 28.03 9.62 -2.11
CA ARG B 371 28.71 9.46 -3.41
C ARG B 371 27.71 9.25 -4.55
N ILE B 372 26.61 8.55 -4.23
CA ILE B 372 25.46 8.38 -5.14
C ILE B 372 24.82 9.74 -5.51
N LEU B 373 24.58 10.57 -4.49
CA LEU B 373 23.88 11.83 -4.70
C LEU B 373 24.72 12.87 -5.45
N PRO B 374 24.05 13.82 -6.12
CA PRO B 374 24.74 14.99 -6.66
C PRO B 374 25.23 15.93 -5.55
N LYS B 375 26.12 16.87 -5.90
CA LYS B 375 26.70 17.82 -4.96
C LYS B 375 25.66 18.60 -4.12
OAA DRK C . -8.34 -3.64 15.87
CAS DRK C . -9.32 -3.82 15.16
NAP DRK C . -9.31 -3.74 13.84
CAW DRK C . -10.54 -3.99 13.40
CAH DRK C . -11.03 -4.02 12.09
CAE DRK C . -12.37 -4.30 11.86
CAG DRK C . -13.20 -4.55 12.94
CAK DRK C . -12.72 -4.53 14.25
CAZ DRK C . -11.39 -4.24 14.49
CAV DRK C . -10.58 -4.13 15.64
CAT DRK C . -10.86 -4.26 17.03
NAQ DRK C . -9.95 -4.04 17.99
CAX DRK C . -10.46 -4.23 19.20
CAI DRK C . -9.89 -4.12 20.48
CAD DRK C . -10.66 -4.37 21.61
CAF DRK C . -12.01 -4.74 21.45
CAJ DRK C . -12.57 -4.86 20.19
CAY DRK C . -11.80 -4.60 19.06
CAU DRK C . -12.04 -4.61 17.69
NAO DRK C . -13.21 -4.93 17.17
OAR DRK C . -14.13 -5.67 17.87
CAM DRK C . -15.40 -5.84 17.18
CAN DRK C . -15.92 -4.52 16.60
CBA DRK C . -17.19 -4.04 17.33
OAC DRK C . -17.89 -3.18 16.41
CAL DRK C . -16.82 -3.28 18.63
OAB DRK C . -16.82 -4.14 19.81
C1 GOL D . -5.05 5.42 30.49
O1 GOL D . -4.33 5.77 31.65
C2 GOL D . -6.42 6.13 30.44
O2 GOL D . -7.46 5.19 30.38
C3 GOL D . -6.54 7.10 29.26
O3 GOL D . -5.29 7.57 28.83
C1 GOL E . -31.94 29.72 5.29
O1 GOL E . -31.09 30.62 4.60
C2 GOL E . -31.36 29.38 6.66
O2 GOL E . -30.16 28.65 6.54
C3 GOL E . -32.39 28.61 7.49
O3 GOL E . -32.09 27.21 7.53
OAA DRK F . 3.53 -4.29 -17.48
CAS DRK F . 3.68 -5.43 -17.05
NAP DRK F . 3.51 -5.80 -15.79
CAW DRK F . 3.75 -7.12 -15.67
CAH DRK F . 3.71 -7.95 -14.57
CAE DRK F . 4.00 -9.30 -14.70
CAG DRK F . 4.34 -9.81 -15.94
CAK DRK F . 4.40 -8.96 -17.06
CAZ DRK F . 4.10 -7.61 -16.94
CAV DRK F . 4.05 -6.53 -17.81
CAT DRK F . 4.30 -6.39 -19.19
NAQ DRK F . 4.28 -5.21 -19.82
CAX DRK F . 4.55 -5.36 -21.10
CAI DRK F . 4.62 -4.41 -22.13
CAD DRK F . 4.94 -4.82 -23.43
CAF DRK F . 5.17 -6.17 -23.68
CAJ DRK F . 5.10 -7.13 -22.65
CAY DRK F . 4.78 -6.71 -21.35
CAU DRK F . 4.63 -7.36 -20.13
NAO DRK F . 4.75 -8.68 -19.93
OAR DRK F . 5.49 -9.50 -20.73
CAM DRK F . 4.92 -10.84 -20.87
CAN DRK F . 5.48 -11.80 -19.81
CBA DRK F . 6.48 -12.84 -20.38
OAC DRK F . 5.98 -14.20 -20.19
CAL DRK F . 7.84 -12.71 -19.70
OAB DRK F . 8.01 -11.38 -19.21
C1 GOL G . 25.25 -4.74 2.35
O1 GOL G . 25.64 -5.44 3.52
C2 GOL G . 23.73 -4.76 2.22
O2 GOL G . 23.31 -6.06 1.86
C3 GOL G . 23.27 -3.77 1.14
O3 GOL G . 23.30 -2.44 1.62
C1 GOL H . 12.94 3.94 -25.87
O1 GOL H . 11.90 4.87 -25.62
C2 GOL H . 13.53 4.10 -27.28
O2 GOL H . 12.78 3.42 -28.27
C3 GOL H . 13.76 5.56 -27.68
O3 GOL H . 14.49 6.25 -26.69
#